data_4QH6
#
_entry.id   4QH6
#
_cell.length_a   137.790
_cell.length_b   137.790
_cell.length_c   166.480
_cell.angle_alpha   90.00
_cell.angle_beta   90.00
_cell.angle_gamma   90.00
#
_symmetry.space_group_name_H-M   'P 43 21 2'
#
loop_
_entity.id
_entity.type
_entity.pdbx_description
1 polymer Cruzipain
2 non-polymer N-(2-aminoethyl)-Nalpha-benzoyl-L-phenylalaninamide
#
_entity_poly.entity_id   1
_entity_poly.type   'polypeptide(L)'
_entity_poly.pdbx_seq_one_letter_code
;APAAVDWRARGAVTAVKDQGQCGSCWAFSAIGNVECQWFLAGHPLTNLSEQMLVSCDKTDSGCSGGLMNNAFEWIVQENN
GAVYTEDSYPYASGEGISPPCTTSGHTVGATITGHVELPQDEAQIAAWLAVNGPVAVAVDASSWMTYTGGVMTSCVSEQL
DHGVLLVGYNDSAAVPYWIIKNSWTTQWGEEGYIRIAKGSNQCLVKEEASSAVVG
;
_entity_poly.pdbx_strand_id   A,B,C,D,E
#
# COMPACT_ATOMS: atom_id res chain seq x y z
N ALA A 1 -5.04 35.47 10.06
CA ALA A 1 -4.36 35.19 8.80
C ALA A 1 -3.99 36.49 8.09
N PRO A 2 -2.87 36.48 7.36
CA PRO A 2 -2.43 37.63 6.58
C PRO A 2 -3.45 38.05 5.54
N ALA A 3 -3.26 39.25 4.99
CA ALA A 3 -4.18 39.77 3.98
C ALA A 3 -3.90 39.14 2.63
N ALA A 4 -2.65 38.77 2.39
CA ALA A 4 -2.28 38.14 1.14
C ALA A 4 -1.14 37.17 1.32
N VAL A 5 -1.23 36.05 0.60
CA VAL A 5 -0.18 35.05 0.60
C VAL A 5 0.03 34.53 -0.81
N ASP A 6 1.28 34.38 -1.22
CA ASP A 6 1.57 33.74 -2.50
C ASP A 6 2.85 32.94 -2.31
N TRP A 7 2.71 31.62 -2.23
CA TRP A 7 3.85 30.77 -1.93
C TRP A 7 4.79 30.63 -3.11
N ARG A 8 4.33 31.08 -4.28
CA ARG A 8 5.18 31.07 -5.46
C ARG A 8 6.33 32.02 -5.25
N ALA A 9 6.05 33.11 -4.55
CA ALA A 9 7.04 34.12 -4.28
C ALA A 9 8.06 33.59 -3.28
N ARG A 10 7.73 32.48 -2.65
CA ARG A 10 8.62 31.94 -1.64
C ARG A 10 9.39 30.78 -2.25
N GLY A 11 9.23 30.61 -3.57
CA GLY A 11 9.94 29.57 -4.30
C GLY A 11 9.54 28.18 -3.85
N ALA A 12 8.29 28.04 -3.40
CA ALA A 12 7.84 26.79 -2.81
C ALA A 12 7.01 26.00 -3.81
N VAL A 13 6.71 26.63 -4.93
CA VAL A 13 5.88 26.00 -5.96
C VAL A 13 6.71 25.71 -7.19
N THR A 14 6.55 24.50 -7.73
CA THR A 14 7.28 24.11 -8.94
C THR A 14 6.64 24.72 -10.17
N ALA A 15 7.24 24.45 -11.31
CA ALA A 15 6.73 24.98 -12.57
C ALA A 15 5.41 24.30 -12.94
N VAL A 16 4.58 25.03 -13.67
CA VAL A 16 3.31 24.48 -14.13
C VAL A 16 3.56 23.28 -15.04
N LYS A 17 2.83 22.20 -14.78
CA LYS A 17 3.04 20.99 -15.56
C LYS A 17 1.90 20.74 -16.53
N ASP A 18 1.97 19.62 -17.23
CA ASP A 18 0.96 19.28 -18.21
C ASP A 18 0.54 17.83 -18.07
N GLN A 19 -0.73 17.65 -17.72
CA GLN A 19 -1.30 16.34 -17.50
C GLN A 19 -1.62 15.72 -18.85
N GLY A 20 -1.64 16.58 -19.87
CA GLY A 20 -1.92 16.15 -21.22
C GLY A 20 -3.34 15.64 -21.38
N GLN A 21 -3.50 14.74 -22.33
CA GLN A 21 -4.79 14.11 -22.57
C GLN A 21 -4.94 12.89 -21.67
N CYS A 22 -5.03 13.15 -20.37
CA CYS A 22 -5.16 12.11 -19.35
C CYS A 22 -5.87 12.65 -18.13
N GLY A 23 -6.81 11.88 -17.58
CA GLY A 23 -7.55 12.32 -16.42
C GLY A 23 -6.79 12.15 -15.12
N SER A 24 -5.59 12.71 -15.04
CA SER A 24 -4.75 12.53 -13.86
C SER A 24 -4.52 13.78 -13.00
N CYS A 25 -5.45 14.72 -13.00
CA CYS A 25 -5.30 15.95 -12.20
C CYS A 25 -5.18 15.66 -10.71
N TRP A 26 -5.85 14.60 -10.25
CA TRP A 26 -5.77 14.21 -8.85
C TRP A 26 -4.32 14.00 -8.45
N ALA A 27 -3.59 13.30 -9.31
CA ALA A 27 -2.20 12.98 -9.07
C ALA A 27 -1.35 14.25 -9.05
N PHE A 28 -1.63 15.18 -9.95
CA PHE A 28 -0.87 16.43 -10.02
C PHE A 28 -1.12 17.31 -8.82
N SER A 29 -2.36 17.29 -8.34
CA SER A 29 -2.74 18.05 -7.16
C SER A 29 -2.01 17.50 -5.94
N ALA A 30 -2.17 16.20 -5.70
CA ALA A 30 -1.53 15.53 -4.57
C ALA A 30 -0.01 15.73 -4.60
N ILE A 31 0.60 15.39 -5.73
CA ILE A 31 2.04 15.46 -5.89
C ILE A 31 2.54 16.88 -5.71
N GLY A 32 1.81 17.85 -6.25
CA GLY A 32 2.15 19.25 -6.06
C GLY A 32 2.18 19.59 -4.58
N ASN A 33 1.13 19.19 -3.87
CA ASN A 33 1.07 19.38 -2.44
C ASN A 33 2.30 18.79 -1.73
N VAL A 34 2.66 17.57 -2.10
CA VAL A 34 3.84 16.93 -1.49
C VAL A 34 5.13 17.69 -1.80
N GLU A 35 5.27 18.16 -3.04
CA GLU A 35 6.41 18.97 -3.44
C GLU A 35 6.56 20.18 -2.53
N CYS A 36 5.49 20.98 -2.45
CA CYS A 36 5.49 22.21 -1.66
C CYS A 36 5.77 21.94 -0.18
N GLN A 37 5.11 20.93 0.36
CA GLN A 37 5.30 20.55 1.76
C GLN A 37 6.73 20.09 2.05
N TRP A 38 7.30 19.35 1.12
CA TRP A 38 8.67 18.88 1.23
C TRP A 38 9.63 20.06 1.25
N PHE A 39 9.43 21.02 0.36
CA PHE A 39 10.26 22.22 0.36
C PHE A 39 10.14 22.97 1.68
N LEU A 40 8.91 23.17 2.12
CA LEU A 40 8.65 23.94 3.33
C LEU A 40 9.08 23.18 4.58
N ALA A 41 9.45 21.92 4.40
CA ALA A 41 9.96 21.09 5.50
C ALA A 41 11.46 21.33 5.74
N GLY A 42 12.12 21.97 4.79
CA GLY A 42 13.54 22.29 4.93
C GLY A 42 14.41 21.56 3.92
N HIS A 43 13.78 21.14 2.83
CA HIS A 43 14.45 20.37 1.79
C HIS A 43 14.41 21.12 0.46
N PRO A 44 15.27 20.72 -0.49
CA PRO A 44 15.26 21.32 -1.83
C PRO A 44 13.95 21.10 -2.56
N LEU A 45 13.54 22.10 -3.34
CA LEU A 45 12.35 21.96 -4.17
C LEU A 45 12.58 20.90 -5.24
N THR A 46 11.92 19.76 -5.09
CA THR A 46 12.14 18.63 -5.98
C THR A 46 10.89 18.36 -6.81
N ASN A 47 11.07 18.13 -8.11
CA ASN A 47 9.97 17.67 -8.94
C ASN A 47 9.65 16.21 -8.67
N LEU A 48 8.41 15.93 -8.33
CA LEU A 48 8.02 14.58 -7.96
C LEU A 48 7.14 13.92 -9.01
N SER A 49 6.93 12.62 -8.87
CA SER A 49 6.32 11.81 -9.92
C SER A 49 4.80 11.68 -9.79
N GLU A 50 4.10 12.15 -10.81
CA GLU A 50 2.68 11.92 -10.90
C GLU A 50 2.46 10.52 -11.46
N GLN A 51 3.40 10.10 -12.29
CA GLN A 51 3.33 8.82 -12.96
C GLN A 51 3.39 7.67 -11.96
N MET A 52 4.04 7.91 -10.83
CA MET A 52 4.07 6.93 -9.77
C MET A 52 2.66 6.59 -9.35
N LEU A 53 1.86 7.63 -9.15
CA LEU A 53 0.48 7.47 -8.72
C LEU A 53 -0.41 6.94 -9.84
N VAL A 54 -0.24 7.49 -11.04
CA VAL A 54 -1.08 7.11 -12.15
C VAL A 54 -0.91 5.63 -12.49
N SER A 55 0.33 5.17 -12.44
CA SER A 55 0.64 3.81 -12.82
C SER A 55 0.52 2.79 -11.68
N CYS A 56 1.01 3.14 -10.50
CA CYS A 56 1.10 2.16 -9.41
C CYS A 56 -0.08 2.17 -8.45
N ASP A 57 -0.64 3.35 -8.21
CA ASP A 57 -1.75 3.50 -7.26
C ASP A 57 -3.04 2.92 -7.84
N LYS A 58 -3.41 1.73 -7.35
CA LYS A 58 -4.53 0.98 -7.89
C LYS A 58 -5.83 1.27 -7.14
N THR A 59 -5.72 2.05 -6.07
CA THR A 59 -6.89 2.51 -5.36
C THR A 59 -7.64 3.49 -6.26
N ASP A 60 -6.88 4.26 -7.02
CA ASP A 60 -7.47 5.15 -7.99
C ASP A 60 -7.43 4.52 -9.38
N SER A 61 -7.97 5.24 -10.36
CA SER A 61 -8.23 4.64 -11.66
C SER A 61 -7.41 5.25 -12.77
N GLY A 62 -6.12 5.45 -12.51
CA GLY A 62 -5.19 5.92 -13.50
C GLY A 62 -5.62 7.16 -14.27
N CYS A 63 -5.75 7.02 -15.59
CA CYS A 63 -6.09 8.16 -16.44
C CYS A 63 -7.59 8.43 -16.58
N SER A 64 -8.40 7.68 -15.85
CA SER A 64 -9.84 7.89 -15.88
C SER A 64 -10.32 8.66 -14.64
N GLY A 65 -9.42 8.84 -13.68
CA GLY A 65 -9.71 9.60 -12.48
C GLY A 65 -9.19 9.00 -11.18
N GLY A 66 -9.36 9.73 -10.08
CA GLY A 66 -8.88 9.30 -8.78
C GLY A 66 -9.08 10.39 -7.73
N LEU A 67 -8.60 10.20 -6.50
CA LEU A 67 -8.75 11.24 -5.47
C LEU A 67 -7.44 11.57 -4.74
N MET A 68 -7.25 12.83 -4.37
CA MET A 68 -6.04 13.25 -3.67
C MET A 68 -5.90 12.55 -2.33
N ASN A 69 -7.00 12.47 -1.59
CA ASN A 69 -7.04 11.75 -0.32
C ASN A 69 -6.60 10.31 -0.50
N ASN A 70 -7.11 9.66 -1.55
CA ASN A 70 -6.73 8.29 -1.86
C ASN A 70 -5.26 8.17 -2.20
N ALA A 71 -4.72 9.19 -2.84
CA ALA A 71 -3.31 9.20 -3.18
C ALA A 71 -2.46 9.26 -1.93
N PHE A 72 -2.74 10.19 -1.03
CA PHE A 72 -1.98 10.29 0.23
C PHE A 72 -2.07 8.99 1.01
N GLU A 73 -3.28 8.46 1.12
CA GLU A 73 -3.49 7.18 1.81
C GLU A 73 -2.63 6.09 1.20
N TRP A 74 -2.64 6.00 -0.13
CA TRP A 74 -1.91 4.97 -0.83
C TRP A 74 -0.41 5.11 -0.62
N ILE A 75 0.09 6.34 -0.72
CA ILE A 75 1.50 6.60 -0.50
C ILE A 75 1.93 6.12 0.87
N VAL A 76 1.17 6.47 1.91
CA VAL A 76 1.59 6.08 3.25
C VAL A 76 1.42 4.58 3.50
N GLN A 77 0.27 4.03 3.17
CA GLN A 77 -0.07 2.67 3.56
C GLN A 77 0.47 1.58 2.63
N GLU A 78 0.71 1.92 1.37
CA GLU A 78 1.17 0.94 0.38
C GLU A 78 2.62 1.12 -0.04
N ASN A 79 3.08 2.37 -0.10
CA ASN A 79 4.40 2.68 -0.63
C ASN A 79 5.38 3.20 0.42
N ASN A 80 5.10 2.90 1.69
CA ASN A 80 5.96 3.28 2.81
C ASN A 80 6.22 4.78 2.92
N GLY A 81 5.34 5.58 2.33
CA GLY A 81 5.46 7.02 2.43
C GLY A 81 6.33 7.63 1.36
N ALA A 82 6.81 6.81 0.43
CA ALA A 82 7.76 7.29 -0.56
C ALA A 82 7.08 7.97 -1.75
N VAL A 83 7.60 9.13 -2.12
CA VAL A 83 7.19 9.80 -3.34
C VAL A 83 8.41 9.97 -4.21
N TYR A 84 8.42 9.29 -5.36
CA TYR A 84 9.60 9.28 -6.22
C TYR A 84 9.82 10.60 -6.92
N THR A 85 11.05 10.83 -7.36
CA THR A 85 11.38 12.00 -8.16
C THR A 85 10.79 11.83 -9.55
N GLU A 86 10.44 12.94 -10.18
CA GLU A 86 9.92 12.88 -11.54
C GLU A 86 11.03 12.46 -12.46
N ASP A 87 12.27 12.74 -12.04
CA ASP A 87 13.44 12.44 -12.84
C ASP A 87 13.67 10.93 -12.99
N SER A 88 13.40 10.17 -11.93
CA SER A 88 13.61 8.73 -11.97
C SER A 88 12.35 7.94 -12.28
N TYR A 89 11.22 8.64 -12.34
CA TYR A 89 9.92 8.05 -12.72
C TYR A 89 9.06 9.08 -13.41
N PRO A 90 9.43 9.44 -14.65
CA PRO A 90 8.83 10.54 -15.40
C PRO A 90 7.40 10.27 -15.87
N TYR A 91 6.68 11.36 -16.11
CA TYR A 91 5.31 11.30 -16.60
C TYR A 91 5.32 10.82 -18.03
N ALA A 92 4.49 9.82 -18.33
CA ALA A 92 4.49 9.23 -19.67
C ALA A 92 3.10 9.04 -20.23
N SER A 93 2.10 9.49 -19.48
CA SER A 93 0.72 9.28 -19.90
C SER A 93 0.17 10.49 -20.65
N GLY A 94 1.07 11.26 -21.25
CA GLY A 94 0.70 12.48 -21.95
C GLY A 94 -0.25 12.25 -23.10
N GLU A 95 -0.20 11.08 -23.71
CA GLU A 95 -1.07 10.78 -24.84
C GLU A 95 -2.18 9.80 -24.44
N GLY A 96 -2.28 9.52 -23.14
CA GLY A 96 -3.35 8.67 -22.63
C GLY A 96 -2.96 7.24 -22.28
N ILE A 97 -1.69 6.91 -22.49
CA ILE A 97 -1.17 5.56 -22.25
C ILE A 97 -0.43 5.39 -20.92
N SER A 98 -0.99 4.59 -20.01
CA SER A 98 -0.37 4.37 -18.71
C SER A 98 0.51 3.11 -18.64
N PRO A 99 1.85 3.31 -18.52
CA PRO A 99 2.77 2.19 -18.35
C PRO A 99 2.45 1.40 -17.08
N PRO A 100 3.01 0.19 -16.94
CA PRO A 100 2.79 -0.60 -15.73
C PRO A 100 3.66 -0.15 -14.57
N CYS A 101 3.32 -0.61 -13.37
CA CYS A 101 4.06 -0.24 -12.16
C CYS A 101 5.41 -0.95 -12.08
N THR A 102 6.44 -0.17 -11.76
CA THR A 102 7.78 -0.70 -11.55
C THR A 102 8.26 -0.38 -10.14
N THR A 103 8.81 -1.37 -9.45
CA THR A 103 9.20 -1.16 -8.06
C THR A 103 10.69 -1.41 -7.79
N SER A 104 11.51 -1.33 -8.83
CA SER A 104 12.95 -1.56 -8.65
C SER A 104 13.79 -0.39 -9.11
N GLY A 105 14.54 0.19 -8.18
CA GLY A 105 15.57 1.15 -8.51
C GLY A 105 15.22 2.63 -8.48
N HIS A 106 13.98 2.96 -8.09
CA HIS A 106 13.56 4.35 -8.13
C HIS A 106 14.11 5.17 -6.97
N THR A 107 14.08 6.49 -7.14
CA THR A 107 14.65 7.40 -6.16
C THR A 107 13.58 8.15 -5.36
N VAL A 108 13.69 8.08 -4.04
CA VAL A 108 12.71 8.71 -3.17
C VAL A 108 12.92 10.22 -3.09
N GLY A 109 12.01 10.98 -3.66
CA GLY A 109 12.13 12.42 -3.69
C GLY A 109 11.61 13.07 -2.43
N ALA A 110 10.58 12.46 -1.85
CA ALA A 110 10.03 12.97 -0.60
C ALA A 110 9.48 11.81 0.25
N THR A 111 9.41 12.04 1.55
CA THR A 111 8.86 11.05 2.47
C THR A 111 7.80 11.67 3.37
N ILE A 112 6.54 11.29 3.15
CA ILE A 112 5.46 11.78 3.99
C ILE A 112 5.02 10.74 5.00
N THR A 113 4.41 11.21 6.08
CA THR A 113 4.01 10.33 7.17
C THR A 113 2.51 10.33 7.33
N GLY A 114 1.83 11.22 6.61
CA GLY A 114 0.37 11.19 6.66
C GLY A 114 -0.30 12.25 5.84
N HIS A 115 -1.51 12.63 6.24
CA HIS A 115 -2.20 13.74 5.61
C HIS A 115 -3.31 14.27 6.52
N VAL A 116 -3.74 15.49 6.24
CA VAL A 116 -4.82 16.11 6.98
C VAL A 116 -5.87 16.63 6.02
N GLU A 117 -7.11 16.68 6.51
CA GLU A 117 -8.20 17.26 5.77
C GLU A 117 -8.57 18.60 6.38
N LEU A 118 -8.95 19.55 5.54
CA LEU A 118 -9.33 20.87 6.02
C LEU A 118 -10.86 21.02 6.00
N PRO A 119 -11.41 21.78 6.96
CA PRO A 119 -12.84 22.05 7.04
C PRO A 119 -13.37 22.66 5.74
N GLN A 120 -14.68 22.57 5.53
CA GLN A 120 -15.28 23.17 4.34
C GLN A 120 -15.57 24.64 4.63
N ASP A 121 -14.49 25.40 4.80
CA ASP A 121 -14.56 26.79 5.22
C ASP A 121 -13.36 27.51 4.61
N GLU A 122 -13.62 28.46 3.72
CA GLU A 122 -12.54 29.16 3.03
C GLU A 122 -11.64 29.92 3.98
N ALA A 123 -12.20 30.42 5.07
CA ALA A 123 -11.44 31.19 6.05
C ALA A 123 -10.46 30.30 6.78
N GLN A 124 -10.93 29.11 7.15
CA GLN A 124 -10.09 28.18 7.89
C GLN A 124 -9.01 27.59 6.97
N ILE A 125 -9.38 27.35 5.71
CA ILE A 125 -8.45 26.89 4.70
C ILE A 125 -7.35 27.91 4.46
N ALA A 126 -7.74 29.17 4.32
CA ALA A 126 -6.76 30.24 4.13
C ALA A 126 -5.87 30.32 5.36
N ALA A 127 -6.48 30.20 6.53
CA ALA A 127 -5.75 30.26 7.78
C ALA A 127 -4.68 29.19 7.84
N TRP A 128 -4.99 28.02 7.29
CA TRP A 128 -4.00 26.94 7.22
C TRP A 128 -2.94 27.21 6.18
N LEU A 129 -3.36 27.65 5.02
CA LEU A 129 -2.48 27.84 3.88
C LEU A 129 -1.45 28.91 4.18
N ALA A 130 -1.84 29.91 4.95
CA ALA A 130 -0.95 31.01 5.26
C ALA A 130 0.21 30.57 6.14
N VAL A 131 0.03 29.46 6.85
CA VAL A 131 1.05 28.97 7.76
C VAL A 131 1.82 27.77 7.23
N ASN A 132 1.10 26.79 6.69
CA ASN A 132 1.67 25.49 6.35
C ASN A 132 1.79 25.19 4.85
N GLY A 133 1.35 26.12 4.01
CA GLY A 133 1.61 26.00 2.59
C GLY A 133 0.45 25.54 1.73
N PRO A 134 0.72 25.40 0.42
CA PRO A 134 -0.27 25.06 -0.62
C PRO A 134 -1.14 23.84 -0.29
N VAL A 135 -2.41 23.92 -0.71
CA VAL A 135 -3.41 22.94 -0.34
C VAL A 135 -4.01 22.26 -1.55
N ALA A 136 -4.09 20.93 -1.51
CA ALA A 136 -4.71 20.17 -2.58
C ALA A 136 -6.20 20.36 -2.51
N VAL A 137 -6.81 20.84 -3.59
CA VAL A 137 -8.25 21.03 -3.54
C VAL A 137 -8.94 20.51 -4.79
N ALA A 138 -10.21 20.19 -4.61
CA ALA A 138 -11.04 19.73 -5.71
C ALA A 138 -11.97 20.86 -6.12
N VAL A 139 -12.19 21.00 -7.43
CA VAL A 139 -13.02 22.07 -7.94
C VAL A 139 -13.94 21.60 -9.06
N ASP A 140 -14.82 22.50 -9.48
CA ASP A 140 -15.66 22.27 -10.64
C ASP A 140 -15.11 23.08 -11.80
N ALA A 141 -14.26 22.45 -12.62
CA ALA A 141 -13.58 23.17 -13.70
C ALA A 141 -14.34 23.09 -15.02
N SER A 142 -15.66 22.90 -14.95
CA SER A 142 -16.48 22.80 -16.14
C SER A 142 -16.47 24.09 -16.96
N SER A 143 -16.32 25.23 -16.28
CA SER A 143 -16.28 26.53 -16.97
C SER A 143 -14.87 27.09 -17.09
N TRP A 144 -13.86 26.23 -17.01
CA TRP A 144 -12.47 26.68 -17.00
C TRP A 144 -11.82 26.65 -18.37
N MET A 145 -12.48 26.00 -19.32
CA MET A 145 -11.91 25.82 -20.65
C MET A 145 -11.77 27.16 -21.35
N THR A 146 -12.60 28.11 -20.95
CA THR A 146 -12.67 29.40 -21.62
C THR A 146 -11.90 30.48 -20.88
N TYR A 147 -11.22 30.11 -19.80
CA TYR A 147 -10.54 31.09 -18.96
C TYR A 147 -9.28 31.60 -19.65
N THR A 148 -9.13 32.92 -19.64
CA THR A 148 -8.00 33.55 -20.30
C THR A 148 -7.24 34.48 -19.36
N GLY A 149 -7.87 34.81 -18.24
CA GLY A 149 -7.24 35.67 -17.24
C GLY A 149 -8.27 36.40 -16.40
N GLY A 150 -7.81 37.05 -15.35
CA GLY A 150 -8.71 37.83 -14.53
C GLY A 150 -9.30 37.01 -13.40
N VAL A 151 -10.01 37.68 -12.50
CA VAL A 151 -10.65 37.02 -11.37
C VAL A 151 -12.03 36.48 -11.75
N MET A 152 -12.12 35.15 -11.87
CA MET A 152 -13.39 34.51 -12.21
C MET A 152 -14.41 34.66 -11.08
N THR A 153 -15.63 35.07 -11.42
CA THR A 153 -16.62 35.44 -10.41
C THR A 153 -17.94 34.70 -10.51
N SER A 154 -18.20 34.07 -11.64
CA SER A 154 -19.44 33.33 -11.80
C SER A 154 -19.08 31.95 -12.30
N CYS A 155 -18.14 31.33 -11.60
CA CYS A 155 -17.67 30.02 -12.00
C CYS A 155 -18.80 29.02 -11.76
N VAL A 156 -18.98 28.12 -12.71
CA VAL A 156 -20.00 27.11 -12.60
C VAL A 156 -19.64 26.13 -11.49
N SER A 157 -20.43 26.17 -10.42
CA SER A 157 -20.12 25.42 -9.20
C SER A 157 -21.16 24.35 -8.91
N GLU A 158 -21.15 23.28 -9.69
CA GLU A 158 -22.21 22.29 -9.61
C GLU A 158 -21.70 21.00 -8.99
N GLN A 159 -20.67 20.44 -9.61
CA GLN A 159 -20.12 19.15 -9.22
C GLN A 159 -18.62 19.07 -9.47
N LEU A 160 -17.90 18.52 -8.50
CA LEU A 160 -16.44 18.40 -8.57
C LEU A 160 -15.97 17.50 -9.72
N ASP A 161 -14.98 17.96 -10.48
CA ASP A 161 -14.47 17.17 -11.60
C ASP A 161 -12.97 17.38 -11.81
N HIS A 162 -12.37 18.26 -11.03
CA HIS A 162 -10.97 18.60 -11.26
C HIS A 162 -10.15 18.70 -9.98
N GLY A 163 -8.87 18.37 -10.07
CA GLY A 163 -7.98 18.49 -8.94
C GLY A 163 -6.91 19.55 -9.20
N VAL A 164 -6.86 20.55 -8.33
CA VAL A 164 -5.93 21.66 -8.51
C VAL A 164 -5.22 21.98 -7.20
N LEU A 165 -4.37 23.00 -7.23
CA LEU A 165 -3.57 23.33 -6.06
C LEU A 165 -3.69 24.79 -5.63
N LEU A 166 -4.32 25.03 -4.48
CA LEU A 166 -4.31 26.36 -3.87
C LEU A 166 -2.89 26.76 -3.50
N VAL A 167 -2.37 27.83 -4.08
CA VAL A 167 -1.00 28.23 -3.71
C VAL A 167 -0.96 29.58 -3.03
N GLY A 168 -2.13 30.20 -2.89
CA GLY A 168 -2.19 31.48 -2.20
C GLY A 168 -3.50 32.21 -2.39
N TYR A 169 -3.63 33.34 -1.71
CA TYR A 169 -4.83 34.16 -1.81
C TYR A 169 -4.49 35.64 -1.66
N ASN A 170 -5.51 36.47 -1.84
CA ASN A 170 -5.38 37.91 -1.69
C ASN A 170 -6.70 38.52 -1.23
N ASP A 171 -6.78 38.88 0.05
CA ASP A 171 -7.99 39.47 0.60
C ASP A 171 -8.00 40.98 0.45
N SER A 172 -6.92 41.52 -0.10
CA SER A 172 -6.76 42.97 -0.21
C SER A 172 -7.37 43.54 -1.48
N ALA A 173 -7.50 42.69 -2.50
CA ALA A 173 -8.01 43.13 -3.80
C ALA A 173 -9.44 43.62 -3.71
N ALA A 174 -9.89 44.31 -4.76
CA ALA A 174 -11.27 44.77 -4.84
C ALA A 174 -12.21 43.58 -4.75
N VAL A 175 -11.84 42.53 -5.48
CA VAL A 175 -12.50 41.24 -5.35
C VAL A 175 -11.48 40.22 -4.90
N PRO A 176 -11.51 39.87 -3.60
CA PRO A 176 -10.59 38.89 -3.01
C PRO A 176 -10.58 37.57 -3.78
N TYR A 177 -9.38 36.99 -3.96
CA TYR A 177 -9.25 35.81 -4.81
C TYR A 177 -8.29 34.74 -4.29
N TRP A 178 -8.52 33.51 -4.74
CA TRP A 178 -7.60 32.40 -4.60
C TRP A 178 -6.70 32.33 -5.82
N ILE A 179 -5.42 32.07 -5.57
CA ILE A 179 -4.46 31.79 -6.63
C ILE A 179 -4.28 30.28 -6.77
N ILE A 180 -4.66 29.76 -7.93
CA ILE A 180 -4.73 28.33 -8.13
C ILE A 180 -3.83 27.83 -9.26
N LYS A 181 -3.04 26.83 -8.93
CA LYS A 181 -2.20 26.15 -9.89
C LYS A 181 -2.96 25.01 -10.55
N ASN A 182 -2.91 25.00 -11.88
CA ASN A 182 -3.57 24.00 -12.70
C ASN A 182 -2.53 23.19 -13.45
N SER A 183 -2.97 22.11 -14.07
CA SER A 183 -2.06 21.23 -14.78
C SER A 183 -2.36 21.25 -16.28
N TRP A 184 -2.63 22.43 -16.81
CA TRP A 184 -2.98 22.57 -18.23
C TRP A 184 -2.01 23.42 -19.02
N THR A 185 -0.71 23.18 -18.82
CA THR A 185 0.36 23.94 -19.45
C THR A 185 0.35 25.40 -19.03
N THR A 186 1.33 26.14 -19.54
CA THR A 186 1.47 27.55 -19.21
C THR A 186 0.76 28.47 -20.18
N GLN A 187 0.15 27.89 -21.21
CA GLN A 187 -0.58 28.66 -22.20
C GLN A 187 -1.97 29.01 -21.71
N TRP A 188 -2.47 28.20 -20.78
CA TRP A 188 -3.81 28.38 -20.26
C TRP A 188 -3.83 29.38 -19.12
N GLY A 189 -4.86 30.23 -19.11
CA GLY A 189 -5.06 31.19 -18.05
C GLY A 189 -3.88 32.12 -17.81
N GLU A 190 -3.67 32.45 -16.54
CA GLU A 190 -2.58 33.35 -16.17
C GLU A 190 -1.30 32.56 -15.91
N GLU A 191 -0.61 32.27 -17.01
CA GLU A 191 0.65 31.52 -17.01
C GLU A 191 0.51 30.14 -16.41
N GLY A 192 -0.66 29.52 -16.59
CA GLY A 192 -0.89 28.18 -16.07
C GLY A 192 -1.73 28.25 -14.81
N TYR A 193 -1.86 29.45 -14.27
CA TYR A 193 -2.63 29.69 -13.05
C TYR A 193 -3.99 30.31 -13.32
N ILE A 194 -4.83 30.31 -12.29
CA ILE A 194 -6.16 30.90 -12.39
C ILE A 194 -6.54 31.53 -11.06
N ARG A 195 -7.10 32.74 -11.10
CA ARG A 195 -7.57 33.38 -9.89
C ARG A 195 -9.08 33.25 -9.82
N ILE A 196 -9.60 32.73 -8.72
CA ILE A 196 -11.05 32.64 -8.60
C ILE A 196 -11.55 33.38 -7.37
N ALA A 197 -12.78 33.87 -7.40
CA ALA A 197 -13.29 34.68 -6.31
C ALA A 197 -13.30 33.92 -4.98
N LYS A 198 -12.79 34.56 -3.94
CA LYS A 198 -12.68 33.95 -2.62
C LYS A 198 -13.78 34.39 -1.65
N GLY A 199 -14.51 33.42 -1.12
CA GLY A 199 -15.51 33.69 -0.10
C GLY A 199 -16.94 33.33 -0.49
N SER A 200 -17.13 32.97 -1.74
CA SER A 200 -18.45 32.64 -2.25
C SER A 200 -18.45 31.21 -2.79
N ASN A 201 -17.47 30.44 -2.33
CA ASN A 201 -17.32 29.03 -2.67
C ASN A 201 -17.35 28.76 -4.16
N GLN A 202 -16.62 29.58 -4.91
CA GLN A 202 -16.52 29.40 -6.36
C GLN A 202 -15.98 28.03 -6.71
N CYS A 203 -16.58 27.42 -7.72
CA CYS A 203 -16.16 26.11 -8.24
C CYS A 203 -16.14 25.03 -7.15
N LEU A 204 -16.86 25.29 -6.06
CA LEU A 204 -16.90 24.39 -4.91
C LEU A 204 -15.53 24.16 -4.31
N VAL A 205 -14.71 25.21 -4.30
CA VAL A 205 -13.30 25.08 -3.96
C VAL A 205 -13.06 24.56 -2.55
N LYS A 206 -13.96 24.88 -1.63
CA LYS A 206 -13.75 24.57 -0.21
C LYS A 206 -14.19 23.16 0.15
N GLU A 207 -14.73 22.42 -0.82
CA GLU A 207 -15.29 21.10 -0.55
C GLU A 207 -14.30 20.06 -0.07
N GLU A 208 -13.25 19.85 -0.86
CA GLU A 208 -12.28 18.82 -0.53
C GLU A 208 -10.91 19.44 -0.55
N ALA A 209 -10.48 19.92 0.61
CA ALA A 209 -9.15 20.46 0.75
C ALA A 209 -8.36 19.57 1.69
N SER A 210 -7.21 19.11 1.21
CA SER A 210 -6.36 18.24 2.01
C SER A 210 -4.91 18.65 1.81
N SER A 211 -4.04 18.18 2.69
CA SER A 211 -2.62 18.44 2.57
C SER A 211 -1.81 17.27 3.14
N ALA A 212 -0.70 16.96 2.50
CA ALA A 212 0.16 15.88 3.00
C ALA A 212 0.89 16.31 4.25
N VAL A 213 1.30 15.32 5.03
CA VAL A 213 2.11 15.59 6.21
C VAL A 213 3.47 14.91 6.12
N VAL A 214 4.47 15.77 6.29
CA VAL A 214 5.89 15.47 6.21
C VAL A 214 6.40 15.55 7.63
N GLY A 215 6.25 14.45 8.36
CA GLY A 215 6.63 14.39 9.76
C GLY A 215 8.04 14.83 10.08
N ALA B 1 11.33 15.16 10.84
CA ALA B 1 12.10 14.12 11.51
C ALA B 1 12.48 14.50 12.92
N PRO B 2 12.53 13.51 13.83
CA PRO B 2 12.97 13.65 15.22
C PRO B 2 14.41 14.13 15.37
N ALA B 3 14.78 14.48 16.59
CA ALA B 3 16.10 14.95 16.90
C ALA B 3 17.06 13.76 17.01
N ALA B 4 16.52 12.61 17.37
CA ALA B 4 17.33 11.41 17.51
C ALA B 4 16.57 10.16 17.13
N VAL B 5 17.28 9.24 16.47
CA VAL B 5 16.73 7.95 16.09
C VAL B 5 17.79 6.88 16.33
N ASP B 6 17.37 5.75 16.90
CA ASP B 6 18.25 4.60 17.03
C ASP B 6 17.43 3.33 16.88
N TRP B 7 17.54 2.67 15.73
CA TRP B 7 16.68 1.53 15.46
C TRP B 7 17.10 0.29 16.24
N ARG B 8 18.26 0.35 16.89
CA ARG B 8 18.68 -0.74 17.77
C ARG B 8 17.80 -0.81 19.02
N ALA B 9 17.37 0.35 19.50
CA ALA B 9 16.58 0.41 20.73
C ALA B 9 15.17 -0.13 20.51
N ARG B 10 14.80 -0.30 19.25
CA ARG B 10 13.49 -0.83 18.91
C ARG B 10 13.58 -2.29 18.51
N GLY B 11 14.76 -2.87 18.74
CA GLY B 11 14.99 -4.28 18.48
C GLY B 11 14.90 -4.69 17.02
N ALA B 12 15.28 -3.78 16.12
CA ALA B 12 15.10 -4.01 14.70
C ALA B 12 16.41 -4.42 14.04
N VAL B 13 17.49 -4.31 14.81
CA VAL B 13 18.81 -4.58 14.27
C VAL B 13 19.35 -5.87 14.86
N THR B 14 19.91 -6.69 13.99
CA THR B 14 20.51 -7.96 14.39
C THR B 14 21.86 -7.74 15.04
N ALA B 15 22.47 -8.82 15.50
CA ALA B 15 23.78 -8.74 16.12
C ALA B 15 24.85 -8.44 15.09
N VAL B 16 25.91 -7.77 15.53
CA VAL B 16 27.05 -7.46 14.67
C VAL B 16 27.71 -8.74 14.16
N LYS B 17 28.03 -8.76 12.88
CA LYS B 17 28.63 -9.95 12.27
C LYS B 17 30.10 -9.74 11.93
N ASP B 18 30.70 -10.76 11.32
CA ASP B 18 32.12 -10.69 10.98
C ASP B 18 32.35 -11.14 9.54
N GLN B 19 32.82 -10.23 8.70
CA GLN B 19 32.96 -10.54 7.28
C GLN B 19 34.24 -11.31 7.03
N GLY B 20 35.14 -11.29 8.00
CA GLY B 20 36.42 -11.98 7.90
C GLY B 20 37.31 -11.34 6.84
N GLN B 21 38.22 -12.14 6.28
CA GLN B 21 39.09 -11.66 5.22
C GLN B 21 38.47 -11.85 3.85
N CYS B 22 37.38 -11.14 3.60
CA CYS B 22 36.67 -11.26 2.34
C CYS B 22 35.96 -9.94 2.02
N GLY B 23 36.09 -9.48 0.78
CA GLY B 23 35.54 -8.19 0.40
C GLY B 23 34.04 -8.20 0.14
N SER B 24 33.31 -8.72 1.11
CA SER B 24 31.87 -8.89 0.97
C SER B 24 31.07 -7.94 1.86
N CYS B 25 31.60 -6.75 2.12
CA CYS B 25 30.91 -5.77 2.95
C CYS B 25 29.59 -5.36 2.33
N TRP B 26 29.54 -5.31 1.00
CA TRP B 26 28.32 -5.01 0.28
C TRP B 26 27.22 -5.98 0.67
N ALA B 27 27.57 -7.25 0.73
CA ALA B 27 26.61 -8.29 1.06
C ALA B 27 26.10 -8.10 2.47
N PHE B 28 26.99 -7.74 3.39
CA PHE B 28 26.59 -7.55 4.78
C PHE B 28 25.71 -6.32 4.97
N SER B 29 25.99 -5.28 4.19
CA SER B 29 25.18 -4.07 4.21
C SER B 29 23.77 -4.37 3.70
N ALA B 30 23.71 -4.91 2.49
CA ALA B 30 22.44 -5.25 1.86
C ALA B 30 21.62 -6.16 2.77
N ILE B 31 22.24 -7.25 3.21
CA ILE B 31 21.56 -8.22 4.05
C ILE B 31 21.11 -7.64 5.39
N GLY B 32 21.95 -6.83 6.02
CA GLY B 32 21.57 -6.17 7.26
C GLY B 32 20.31 -5.34 7.06
N ASN B 33 20.35 -4.53 6.01
CA ASN B 33 19.19 -3.75 5.59
C ASN B 33 17.93 -4.60 5.43
N VAL B 34 18.05 -5.71 4.71
CA VAL B 34 16.91 -6.60 4.51
C VAL B 34 16.39 -7.20 5.81
N GLU B 35 17.30 -7.58 6.71
CA GLU B 35 16.94 -8.08 8.03
C GLU B 35 16.03 -7.08 8.71
N CYS B 36 16.52 -5.84 8.79
CA CYS B 36 15.78 -4.77 9.45
C CYS B 36 14.41 -4.49 8.80
N GLN B 37 14.40 -4.42 7.47
CA GLN B 37 13.16 -4.13 6.74
C GLN B 37 12.12 -5.23 6.97
N TRP B 38 12.60 -6.47 6.97
CA TRP B 38 11.75 -7.63 7.19
C TRP B 38 11.14 -7.55 8.57
N PHE B 39 11.96 -7.16 9.54
CA PHE B 39 11.46 -6.97 10.89
C PHE B 39 10.36 -5.90 10.93
N LEU B 40 10.65 -4.77 10.30
CA LEU B 40 9.75 -3.63 10.32
C LEU B 40 8.51 -3.85 9.48
N ALA B 41 8.49 -4.95 8.73
CA ALA B 41 7.31 -5.31 7.95
C ALA B 41 6.27 -5.99 8.83
N GLY B 42 6.71 -6.42 10.02
CA GLY B 42 5.82 -7.05 10.98
C GLY B 42 6.17 -8.50 11.20
N HIS B 43 7.42 -8.84 10.90
CA HIS B 43 7.88 -10.23 10.98
C HIS B 43 8.98 -10.38 12.02
N PRO B 44 9.23 -11.64 12.45
CA PRO B 44 10.31 -11.89 13.41
C PRO B 44 11.66 -11.48 12.85
N LEU B 45 12.50 -10.92 13.71
CA LEU B 45 13.85 -10.54 13.31
C LEU B 45 14.68 -11.78 13.02
N THR B 46 15.03 -11.96 11.75
CA THR B 46 15.75 -13.15 11.31
C THR B 46 17.15 -12.80 10.81
N ASN B 47 18.15 -13.57 11.23
CA ASN B 47 19.48 -13.43 10.64
C ASN B 47 19.49 -14.04 9.25
N LEU B 48 19.87 -13.23 8.27
CA LEU B 48 19.83 -13.67 6.88
C LEU B 48 21.22 -13.90 6.31
N SER B 49 21.26 -14.51 5.13
CA SER B 49 22.50 -15.04 4.57
C SER B 49 23.26 -14.06 3.68
N GLU B 50 24.49 -13.75 4.08
CA GLU B 50 25.36 -12.99 3.20
C GLU B 50 26.02 -13.94 2.20
N GLN B 51 26.21 -15.18 2.63
CA GLN B 51 26.86 -16.18 1.81
C GLN B 51 26.06 -16.46 0.54
N MET B 52 24.74 -16.30 0.65
CA MET B 52 23.86 -16.45 -0.50
C MET B 52 24.28 -15.49 -1.60
N LEU B 53 24.54 -14.25 -1.22
CA LEU B 53 24.94 -13.22 -2.17
C LEU B 53 26.35 -13.43 -2.68
N VAL B 54 27.25 -13.79 -1.78
CA VAL B 54 28.64 -13.97 -2.16
C VAL B 54 28.81 -15.08 -3.17
N SER B 55 28.08 -16.16 -2.96
CA SER B 55 28.22 -17.34 -3.79
C SER B 55 27.35 -17.27 -5.04
N CYS B 56 26.13 -16.80 -4.89
CA CYS B 56 25.15 -16.86 -5.98
C CYS B 56 25.02 -15.60 -6.82
N ASP B 57 25.17 -14.42 -6.21
CA ASP B 57 24.98 -13.18 -6.95
C ASP B 57 26.14 -12.90 -7.87
N LYS B 58 25.94 -13.21 -9.15
CA LYS B 58 27.02 -13.09 -10.11
C LYS B 58 26.99 -11.81 -10.91
N THR B 59 26.01 -10.98 -10.61
CA THR B 59 26.05 -9.63 -11.10
C THR B 59 27.21 -8.97 -10.39
N ASP B 60 27.40 -9.33 -9.13
CA ASP B 60 28.55 -8.90 -8.36
C ASP B 60 29.67 -9.93 -8.32
N SER B 61 30.75 -9.59 -7.62
CA SER B 61 31.99 -10.36 -7.70
C SER B 61 32.42 -11.01 -6.40
N GLY B 62 31.47 -11.65 -5.70
CA GLY B 62 31.78 -12.44 -4.53
C GLY B 62 32.68 -11.79 -3.49
N CYS B 63 33.84 -12.39 -3.25
CA CYS B 63 34.76 -11.88 -2.24
C CYS B 63 35.67 -10.82 -2.80
N SER B 64 35.46 -10.48 -4.07
CA SER B 64 36.30 -9.48 -4.74
C SER B 64 35.59 -8.14 -4.76
N GLY B 65 34.32 -8.13 -4.37
CA GLY B 65 33.57 -6.91 -4.27
C GLY B 65 32.16 -6.97 -4.85
N GLY B 66 31.44 -5.87 -4.71
CA GLY B 66 30.09 -5.77 -5.21
C GLY B 66 29.38 -4.48 -4.83
N LEU B 67 28.10 -4.40 -5.19
CA LEU B 67 27.27 -3.24 -4.87
C LEU B 67 25.99 -3.67 -4.21
N MET B 68 25.51 -2.88 -3.26
CA MET B 68 24.26 -3.21 -2.60
C MET B 68 23.11 -3.17 -3.60
N ASN B 69 23.08 -2.14 -4.43
CA ASN B 69 22.06 -2.01 -5.46
C ASN B 69 22.00 -3.23 -6.38
N ASN B 70 23.18 -3.68 -6.82
CA ASN B 70 23.25 -4.88 -7.63
C ASN B 70 22.76 -6.09 -6.87
N ALA B 71 23.01 -6.11 -5.56
CA ALA B 71 22.58 -7.22 -4.72
C ALA B 71 21.06 -7.28 -4.63
N PHE B 72 20.44 -6.15 -4.32
CA PHE B 72 18.99 -6.07 -4.25
C PHE B 72 18.36 -6.45 -5.58
N GLU B 73 18.89 -5.86 -6.65
CA GLU B 73 18.42 -6.14 -7.99
C GLU B 73 18.51 -7.62 -8.30
N TRP B 74 19.63 -8.23 -7.95
CA TRP B 74 19.82 -9.65 -8.19
C TRP B 74 18.82 -10.49 -7.39
N ILE B 75 18.63 -10.14 -6.13
CA ILE B 75 17.69 -10.85 -5.27
C ILE B 75 16.30 -10.84 -5.90
N VAL B 76 15.87 -9.69 -6.36
CA VAL B 76 14.54 -9.58 -6.96
C VAL B 76 14.43 -10.28 -8.33
N GLN B 77 15.34 -9.96 -9.23
CA GLN B 77 15.21 -10.36 -10.63
C GLN B 77 15.71 -11.77 -10.91
N GLU B 78 16.67 -12.24 -10.11
CA GLU B 78 17.25 -13.55 -10.36
C GLU B 78 16.88 -14.61 -9.32
N ASN B 79 16.64 -14.19 -8.08
CA ASN B 79 16.36 -15.17 -7.02
C ASN B 79 14.90 -15.08 -6.54
N ASN B 80 14.02 -14.53 -7.37
CA ASN B 80 12.60 -14.41 -7.06
C ASN B 80 12.26 -13.65 -5.78
N GLY B 81 13.17 -12.78 -5.34
CA GLY B 81 12.91 -11.96 -4.18
C GLY B 81 13.26 -12.69 -2.90
N ALA B 82 13.81 -13.89 -3.04
CA ALA B 82 14.08 -14.74 -1.88
C ALA B 82 15.40 -14.39 -1.21
N VAL B 83 15.36 -14.25 0.12
CA VAL B 83 16.57 -14.11 0.91
C VAL B 83 16.60 -15.20 1.97
N TYR B 84 17.64 -16.05 1.87
CA TYR B 84 17.79 -17.19 2.75
C TYR B 84 18.19 -16.79 4.17
N THR B 85 17.87 -17.65 5.13
CA THR B 85 18.32 -17.47 6.50
C THR B 85 19.81 -17.80 6.57
N GLU B 86 20.52 -17.16 7.51
CA GLU B 86 21.93 -17.48 7.69
C GLU B 86 22.05 -18.88 8.27
N ASP B 87 20.99 -19.33 8.93
CA ASP B 87 20.99 -20.63 9.58
C ASP B 87 21.02 -21.78 8.55
N SER B 88 20.33 -21.60 7.43
CA SER B 88 20.25 -22.66 6.42
C SER B 88 21.27 -22.43 5.31
N TYR B 89 21.96 -21.30 5.38
CA TYR B 89 23.02 -20.96 4.44
C TYR B 89 24.07 -20.10 5.13
N PRO B 90 24.86 -20.71 6.03
CA PRO B 90 25.80 -20.01 6.89
C PRO B 90 26.99 -19.45 6.13
N TYR B 91 27.63 -18.44 6.73
CA TYR B 91 28.77 -17.77 6.14
C TYR B 91 29.99 -18.68 6.14
N ALA B 92 30.65 -18.78 5.00
CA ALA B 92 31.80 -19.67 4.87
C ALA B 92 32.98 -19.00 4.21
N SER B 93 32.85 -17.72 3.91
CA SER B 93 33.92 -17.00 3.23
C SER B 93 34.76 -16.24 4.22
N GLY B 94 34.77 -16.69 5.47
CA GLY B 94 35.51 -16.00 6.52
C GLY B 94 36.99 -15.93 6.21
N GLU B 95 37.47 -16.93 5.47
CA GLU B 95 38.89 -17.03 5.15
C GLU B 95 39.20 -16.69 3.70
N GLY B 96 38.20 -16.18 2.97
CA GLY B 96 38.40 -15.71 1.62
C GLY B 96 38.00 -16.71 0.56
N ILE B 97 37.56 -17.88 1.01
CA ILE B 97 37.16 -18.94 0.10
C ILE B 97 35.64 -19.05 0.00
N SER B 98 35.12 -18.68 -1.16
CA SER B 98 33.67 -18.72 -1.40
C SER B 98 33.23 -19.99 -2.09
N PRO B 99 32.45 -20.82 -1.38
CA PRO B 99 31.88 -22.06 -1.91
C PRO B 99 31.03 -21.80 -3.16
N PRO B 100 30.63 -22.86 -3.87
CA PRO B 100 29.77 -22.68 -5.04
C PRO B 100 28.31 -22.42 -4.64
N CYS B 101 27.52 -21.98 -5.60
CA CYS B 101 26.12 -21.69 -5.33
C CYS B 101 25.32 -22.98 -5.20
N THR B 102 24.51 -23.07 -4.15
CA THR B 102 23.63 -24.22 -3.95
C THR B 102 22.17 -23.78 -3.89
N THR B 103 21.31 -24.50 -4.62
CA THR B 103 19.91 -24.10 -4.75
C THR B 103 18.88 -25.12 -4.28
N SER B 104 19.26 -26.04 -3.40
CA SER B 104 18.30 -27.04 -2.94
C SER B 104 18.13 -27.06 -1.44
N GLY B 105 16.91 -26.77 -0.99
CA GLY B 105 16.55 -27.02 0.40
C GLY B 105 16.75 -25.86 1.35
N HIS B 106 17.17 -24.71 0.83
CA HIS B 106 17.46 -23.59 1.71
C HIS B 106 16.16 -22.95 2.18
N THR B 107 16.25 -22.18 3.25
CA THR B 107 15.06 -21.62 3.86
C THR B 107 14.95 -20.12 3.63
N VAL B 108 13.81 -19.70 3.09
CA VAL B 108 13.59 -18.30 2.76
C VAL B 108 13.30 -17.50 4.03
N GLY B 109 14.22 -16.63 4.40
CA GLY B 109 14.07 -15.85 5.61
C GLY B 109 13.24 -14.61 5.35
N ALA B 110 13.39 -14.06 4.16
CA ALA B 110 12.63 -12.87 3.80
C ALA B 110 12.28 -12.87 2.32
N THR B 111 11.25 -12.10 1.99
CA THR B 111 10.83 -11.94 0.62
C THR B 111 10.72 -10.46 0.32
N ILE B 112 11.65 -9.96 -0.48
CA ILE B 112 11.57 -8.56 -0.87
C ILE B 112 11.06 -8.44 -2.30
N THR B 113 10.50 -7.29 -2.63
CA THR B 113 9.91 -7.09 -3.94
C THR B 113 10.61 -5.98 -4.70
N GLY B 114 11.52 -5.27 -4.03
CA GLY B 114 12.28 -4.29 -4.76
C GLY B 114 13.28 -3.53 -3.94
N HIS B 115 13.64 -2.34 -4.41
CA HIS B 115 14.50 -1.46 -3.63
C HIS B 115 14.40 -0.03 -4.13
N VAL B 116 14.78 0.91 -3.28
CA VAL B 116 14.78 2.31 -3.65
C VAL B 116 16.11 2.96 -3.32
N GLU B 117 16.44 3.99 -4.08
CA GLU B 117 17.63 4.78 -3.84
C GLU B 117 17.25 6.12 -3.23
N LEU B 118 18.09 6.60 -2.33
CA LEU B 118 17.84 7.86 -1.64
C LEU B 118 18.70 8.95 -2.25
N PRO B 119 18.21 10.19 -2.22
CA PRO B 119 18.96 11.36 -2.70
C PRO B 119 20.29 11.48 -1.99
N GLN B 120 21.19 12.23 -2.60
CA GLN B 120 22.48 12.50 -1.98
C GLN B 120 22.37 13.70 -1.05
N ASP B 121 21.65 13.48 0.05
CA ASP B 121 21.32 14.51 1.03
C ASP B 121 21.19 13.83 2.40
N GLU B 122 22.06 14.21 3.33
CA GLU B 122 22.06 13.57 4.63
C GLU B 122 20.74 13.81 5.35
N ALA B 123 20.17 14.98 5.10
CA ALA B 123 18.92 15.36 5.75
C ALA B 123 17.76 14.51 5.26
N GLN B 124 17.69 14.29 3.95
CA GLN B 124 16.61 13.51 3.38
C GLN B 124 16.76 12.05 3.74
N ILE B 125 18.00 11.60 3.78
CA ILE B 125 18.31 10.24 4.20
C ILE B 125 17.84 10.04 5.64
N ALA B 126 18.09 11.02 6.50
CA ALA B 126 17.65 10.95 7.87
C ALA B 126 16.12 10.91 7.93
N ALA B 127 15.50 11.74 7.10
CA ALA B 127 14.03 11.80 7.02
C ALA B 127 13.44 10.45 6.64
N TRP B 128 14.12 9.72 5.76
CA TRP B 128 13.68 8.38 5.40
C TRP B 128 13.93 7.37 6.51
N LEU B 129 15.12 7.47 7.12
CA LEU B 129 15.55 6.51 8.13
C LEU B 129 14.65 6.58 9.36
N ALA B 130 14.19 7.79 9.69
CA ALA B 130 13.38 7.99 10.87
C ALA B 130 12.04 7.29 10.75
N VAL B 131 11.62 7.04 9.51
CA VAL B 131 10.31 6.44 9.26
C VAL B 131 10.39 4.96 8.92
N ASN B 132 11.30 4.62 8.01
CA ASN B 132 11.28 3.29 7.43
C ASN B 132 12.44 2.38 7.83
N GLY B 133 13.35 2.91 8.65
CA GLY B 133 14.38 2.07 9.22
C GLY B 133 15.78 2.19 8.61
N PRO B 134 16.69 1.35 9.10
CA PRO B 134 18.11 1.36 8.72
C PRO B 134 18.34 1.36 7.22
N VAL B 135 19.38 2.08 6.80
CA VAL B 135 19.64 2.29 5.38
C VAL B 135 21.03 1.77 5.00
N ALA B 136 21.09 0.99 3.93
CA ALA B 136 22.37 0.50 3.43
C ALA B 136 23.13 1.64 2.76
N VAL B 137 24.36 1.89 3.20
CA VAL B 137 25.16 2.96 2.61
C VAL B 137 26.58 2.55 2.32
N ALA B 138 27.21 3.24 1.37
CA ALA B 138 28.60 3.01 1.01
C ALA B 138 29.47 4.14 1.56
N VAL B 139 30.66 3.79 2.06
CA VAL B 139 31.54 4.79 2.66
C VAL B 139 33.00 4.64 2.25
N ASP B 140 33.80 5.62 2.65
CA ASP B 140 35.25 5.56 2.49
C ASP B 140 35.86 5.24 3.84
N ALA B 141 36.04 3.94 4.10
CA ALA B 141 36.51 3.48 5.40
C ALA B 141 38.03 3.30 5.46
N SER B 142 38.74 4.03 4.62
CA SER B 142 40.19 3.95 4.58
C SER B 142 40.81 4.41 5.90
N SER B 143 40.13 5.35 6.55
CA SER B 143 40.61 5.87 7.83
C SER B 143 39.86 5.26 9.01
N TRP B 144 39.26 4.10 8.79
CA TRP B 144 38.47 3.43 9.83
C TRP B 144 39.29 2.38 10.56
N MET B 145 40.45 2.05 10.00
CA MET B 145 41.27 0.97 10.53
C MET B 145 41.77 1.31 11.92
N THR B 146 41.86 2.61 12.21
CA THR B 146 42.40 3.09 13.46
C THR B 146 41.33 3.53 14.45
N TYR B 147 40.07 3.34 14.08
CA TYR B 147 38.96 3.82 14.91
C TYR B 147 38.82 2.99 16.17
N THR B 148 38.72 3.67 17.31
CA THR B 148 38.58 2.99 18.59
C THR B 148 37.38 3.51 19.35
N GLY B 149 36.86 4.64 18.90
CA GLY B 149 35.68 5.23 19.53
C GLY B 149 35.57 6.73 19.32
N GLY B 150 34.42 7.28 19.71
CA GLY B 150 34.17 8.70 19.61
C GLY B 150 33.51 9.09 18.30
N VAL B 151 33.10 10.34 18.21
CA VAL B 151 32.47 10.83 17.00
C VAL B 151 33.52 11.28 16.01
N MET B 152 33.72 10.48 14.97
CA MET B 152 34.73 10.79 13.95
C MET B 152 34.35 12.05 13.19
N THR B 153 35.31 12.97 13.04
CA THR B 153 35.02 14.28 12.48
C THR B 153 35.89 14.67 11.28
N SER B 154 37.00 13.95 11.08
CA SER B 154 37.87 14.25 9.96
C SER B 154 38.13 12.99 9.17
N CYS B 155 37.03 12.30 8.85
CA CYS B 155 37.11 11.05 8.12
C CYS B 155 37.58 11.31 6.69
N VAL B 156 38.42 10.41 6.21
CA VAL B 156 38.91 10.51 4.84
C VAL B 156 37.78 10.23 3.85
N SER B 157 37.41 11.27 3.10
CA SER B 157 36.27 11.21 2.19
C SER B 157 36.71 11.36 0.73
N GLU B 158 37.35 10.33 0.19
CA GLU B 158 37.95 10.39 -1.13
C GLU B 158 37.22 9.54 -2.15
N GLN B 159 37.14 8.26 -1.83
CA GLN B 159 36.54 7.29 -2.73
C GLN B 159 35.92 6.14 -1.94
N LEU B 160 34.70 5.76 -2.32
CA LEU B 160 33.97 4.69 -1.65
C LEU B 160 34.66 3.34 -1.77
N ASP B 161 34.73 2.59 -0.67
CA ASP B 161 35.34 1.27 -0.71
C ASP B 161 34.71 0.25 0.25
N HIS B 162 33.76 0.72 1.06
CA HIS B 162 33.17 -0.12 2.11
C HIS B 162 31.65 -0.01 2.18
N GLY B 163 31.01 -1.11 2.53
CA GLY B 163 29.56 -1.14 2.67
C GLY B 163 29.09 -1.36 4.10
N VAL B 164 28.29 -0.44 4.61
CA VAL B 164 27.83 -0.48 5.99
C VAL B 164 26.33 -0.19 6.11
N LEU B 165 25.84 -0.18 7.36
CA LEU B 165 24.41 0.02 7.58
C LEU B 165 24.07 1.15 8.58
N LEU B 166 23.55 2.27 8.08
CA LEU B 166 23.04 3.34 8.95
C LEU B 166 21.89 2.85 9.81
N VAL B 167 22.04 2.89 11.14
CA VAL B 167 20.96 2.45 12.03
C VAL B 167 20.39 3.56 12.88
N GLY B 168 20.91 4.78 12.73
CA GLY B 168 20.36 5.90 13.48
C GLY B 168 21.21 7.14 13.47
N TYR B 169 20.66 8.20 14.05
CA TYR B 169 21.37 9.47 14.14
C TYR B 169 20.99 10.19 15.44
N ASN B 170 21.67 11.31 15.68
CA ASN B 170 21.39 12.12 16.85
C ASN B 170 21.75 13.57 16.57
N ASP B 171 20.73 14.40 16.33
CA ASP B 171 20.95 15.80 16.00
C ASP B 171 21.02 16.69 17.24
N SER B 172 20.81 16.10 18.41
CA SER B 172 20.77 16.86 19.66
C SER B 172 22.12 17.00 20.33
N ALA B 173 23.03 16.07 20.04
CA ALA B 173 24.35 16.07 20.67
C ALA B 173 25.14 17.31 20.27
N ALA B 174 26.22 17.56 20.99
CA ALA B 174 27.11 18.69 20.67
C ALA B 174 27.65 18.53 19.25
N VAL B 175 28.01 17.30 18.90
CA VAL B 175 28.37 16.97 17.54
C VAL B 175 27.41 15.93 16.99
N PRO B 176 26.45 16.37 16.16
CA PRO B 176 25.46 15.47 15.55
C PRO B 176 26.15 14.34 14.81
N TYR B 177 25.65 13.12 14.95
CA TYR B 177 26.32 11.97 14.37
C TYR B 177 25.38 10.93 13.78
N TRP B 178 25.92 10.19 12.81
CA TRP B 178 25.30 8.97 12.32
C TRP B 178 25.81 7.80 13.13
N ILE B 179 24.91 6.89 13.45
CA ILE B 179 25.25 5.61 14.05
C ILE B 179 25.30 4.55 12.97
N ILE B 180 26.47 3.96 12.80
CA ILE B 180 26.70 3.05 11.68
C ILE B 180 27.10 1.66 12.14
N LYS B 181 26.38 0.66 11.62
CA LYS B 181 26.72 -0.74 11.89
C LYS B 181 27.71 -1.26 10.86
N ASN B 182 28.77 -1.86 11.39
CA ASN B 182 29.85 -2.40 10.58
C ASN B 182 29.96 -3.92 10.73
N SER B 183 30.76 -4.53 9.87
CA SER B 183 30.90 -5.98 9.86
C SER B 183 32.31 -6.45 10.23
N TRP B 184 32.89 -5.80 11.23
CA TRP B 184 34.26 -6.12 11.68
C TRP B 184 34.29 -6.59 13.13
N THR B 185 33.37 -7.49 13.49
CA THR B 185 33.20 -8.00 14.86
C THR B 185 32.82 -6.90 15.85
N THR B 186 32.62 -7.30 17.10
CA THR B 186 32.25 -6.36 18.14
C THR B 186 33.48 -5.80 18.84
N GLN B 187 34.65 -6.25 18.41
CA GLN B 187 35.90 -5.83 19.01
C GLN B 187 36.33 -4.47 18.45
N TRP B 188 35.83 -4.18 17.26
CA TRP B 188 36.18 -2.95 16.56
C TRP B 188 35.27 -1.81 16.98
N GLY B 189 35.85 -0.62 17.11
CA GLY B 189 35.08 0.57 17.41
C GLY B 189 34.24 0.48 18.67
N GLU B 190 33.05 1.07 18.60
CA GLU B 190 32.14 1.06 19.74
C GLU B 190 31.18 -0.13 19.67
N GLU B 191 31.66 -1.28 20.14
CA GLU B 191 30.90 -2.53 20.15
C GLU B 191 30.50 -2.97 18.75
N GLY B 192 31.33 -2.65 17.76
CA GLY B 192 31.10 -3.04 16.38
C GLY B 192 30.54 -1.90 15.55
N TYR B 193 30.09 -0.86 16.23
CA TYR B 193 29.48 0.29 15.58
C TYR B 193 30.45 1.45 15.50
N ILE B 194 30.09 2.46 14.73
CA ILE B 194 30.92 3.65 14.59
C ILE B 194 30.04 4.88 14.39
N ARG B 195 30.37 5.95 15.11
CA ARG B 195 29.63 7.19 14.95
C ARG B 195 30.44 8.18 14.12
N ILE B 196 29.83 8.73 13.07
CA ILE B 196 30.54 9.73 12.28
C ILE B 196 29.77 11.04 12.23
N ALA B 197 30.47 12.15 12.03
CA ALA B 197 29.81 13.45 12.06
C ALA B 197 28.71 13.56 10.99
N LYS B 198 27.55 14.04 11.41
CA LYS B 198 26.41 14.16 10.52
C LYS B 198 26.29 15.58 10.00
N GLY B 199 26.25 15.74 8.68
CA GLY B 199 26.02 17.04 8.09
C GLY B 199 27.18 17.56 7.28
N SER B 200 28.31 16.84 7.33
CA SER B 200 29.51 17.26 6.60
C SER B 200 29.94 16.16 5.65
N ASN B 201 29.03 15.23 5.37
CA ASN B 201 29.30 14.15 4.44
C ASN B 201 30.56 13.38 4.77
N GLN B 202 30.73 13.04 6.04
CA GLN B 202 31.90 12.28 6.44
C GLN B 202 31.89 10.95 5.71
N CYS B 203 33.07 10.56 5.25
CA CYS B 203 33.27 9.26 4.59
C CYS B 203 32.40 9.09 3.36
N LEU B 204 31.91 10.20 2.81
CA LEU B 204 31.02 10.20 1.64
C LEU B 204 29.75 9.38 1.88
N VAL B 205 29.24 9.44 3.11
CA VAL B 205 28.16 8.55 3.54
C VAL B 205 26.88 8.71 2.71
N LYS B 206 26.62 9.92 2.21
CA LYS B 206 25.37 10.20 1.52
C LYS B 206 25.41 9.82 0.04
N GLU B 207 26.57 9.40 -0.44
CA GLU B 207 26.73 9.19 -1.87
C GLU B 207 25.91 8.01 -2.40
N GLU B 208 25.95 6.88 -1.72
CA GLU B 208 25.14 5.74 -2.18
C GLU B 208 24.30 5.12 -1.08
N ALA B 209 23.07 5.61 -0.94
CA ALA B 209 22.14 5.08 0.04
C ALA B 209 20.98 4.37 -0.64
N SER B 210 20.73 3.13 -0.22
CA SER B 210 19.69 2.31 -0.79
C SER B 210 18.93 1.62 0.33
N SER B 211 17.75 1.12 0.02
CA SER B 211 17.06 0.26 0.97
C SER B 211 16.16 -0.70 0.22
N ALA B 212 16.08 -1.93 0.71
CA ALA B 212 15.22 -2.90 0.07
C ALA B 212 13.78 -2.57 0.42
N VAL B 213 12.86 -3.02 -0.43
CA VAL B 213 11.44 -2.85 -0.20
C VAL B 213 10.81 -4.22 -0.08
N VAL B 214 10.09 -4.39 1.03
CA VAL B 214 9.53 -5.65 1.45
C VAL B 214 8.05 -5.54 1.13
N GLY B 215 7.75 -5.77 -0.15
CA GLY B 215 6.40 -5.65 -0.70
C GLY B 215 5.21 -5.72 0.23
N ALA C 1 -10.69 47.95 32.97
CA ALA C 1 -11.21 46.60 32.79
C ALA C 1 -12.69 46.56 33.15
N PRO C 2 -13.47 45.71 32.45
CA PRO C 2 -14.88 45.52 32.79
C PRO C 2 -15.07 45.03 34.21
N ALA C 3 -16.29 45.13 34.72
CA ALA C 3 -16.58 44.69 36.09
C ALA C 3 -16.82 43.19 36.17
N ALA C 4 -17.35 42.64 35.09
CA ALA C 4 -17.62 41.21 35.04
C ALA C 4 -17.56 40.73 33.60
N VAL C 5 -17.02 39.53 33.43
CA VAL C 5 -16.97 38.90 32.12
C VAL C 5 -17.33 37.42 32.27
N ASP C 6 -18.12 36.91 31.33
CA ASP C 6 -18.38 35.49 31.26
C ASP C 6 -18.43 35.09 29.80
N TRP C 7 -17.36 34.46 29.33
CA TRP C 7 -17.25 34.14 27.91
C TRP C 7 -18.16 33.01 27.51
N ARG C 8 -18.75 32.35 28.50
CA ARG C 8 -19.74 31.33 28.20
C ARG C 8 -20.97 31.96 27.59
N ALA C 9 -21.31 33.15 28.07
CA ALA C 9 -22.51 33.84 27.61
C ALA C 9 -22.34 34.39 26.20
N ARG C 10 -21.11 34.49 25.74
CA ARG C 10 -20.86 35.00 24.40
C ARG C 10 -20.63 33.83 23.46
N GLY C 11 -20.96 32.63 23.94
CA GLY C 11 -20.89 31.43 23.14
C GLY C 11 -19.50 31.00 22.72
N ALA C 12 -18.53 31.27 23.58
CA ALA C 12 -17.15 31.01 23.24
C ALA C 12 -16.62 29.73 23.89
N VAL C 13 -17.41 29.16 24.78
CA VAL C 13 -16.99 27.96 25.50
C VAL C 13 -17.76 26.72 25.07
N THR C 14 -17.04 25.62 24.84
CA THR C 14 -17.65 24.36 24.46
C THR C 14 -18.26 23.69 25.68
N ALA C 15 -18.91 22.56 25.45
CA ALA C 15 -19.53 21.83 26.54
C ALA C 15 -18.45 21.23 27.43
N VAL C 16 -18.77 21.08 28.72
CA VAL C 16 -17.84 20.44 29.65
C VAL C 16 -17.56 19.00 29.26
N LYS C 17 -16.29 18.61 29.29
CA LYS C 17 -15.91 17.26 28.91
C LYS C 17 -15.48 16.45 30.13
N ASP C 18 -15.08 15.20 29.86
CA ASP C 18 -14.71 14.29 30.93
C ASP C 18 -13.38 13.62 30.64
N GLN C 19 -12.41 13.90 31.50
CA GLN C 19 -11.06 13.41 31.30
C GLN C 19 -10.98 11.97 31.78
N GLY C 20 -11.97 11.58 32.59
CA GLY C 20 -12.03 10.24 33.14
C GLY C 20 -10.89 9.97 34.11
N GLN C 21 -10.54 8.70 34.24
CA GLN C 21 -9.43 8.29 35.10
C GLN C 21 -8.11 8.38 34.34
N CYS C 22 -7.71 9.61 34.03
CA CYS C 22 -6.49 9.89 33.30
C CYS C 22 -5.98 11.26 33.71
N GLY C 23 -4.68 11.36 34.01
CA GLY C 23 -4.13 12.62 34.47
C GLY C 23 -3.83 13.58 33.34
N SER C 24 -4.81 13.81 32.48
CA SER C 24 -4.62 14.61 31.28
C SER C 24 -5.31 15.98 31.37
N CYS C 25 -5.36 16.54 32.57
CA CYS C 25 -5.96 17.86 32.76
C CYS C 25 -5.26 18.92 31.92
N TRP C 26 -3.96 18.78 31.73
CA TRP C 26 -3.16 19.70 30.93
C TRP C 26 -3.72 19.80 29.52
N ALA C 27 -4.02 18.64 28.94
CA ALA C 27 -4.50 18.56 27.58
C ALA C 27 -5.87 19.22 27.44
N PHE C 28 -6.74 19.01 28.42
CA PHE C 28 -8.08 19.59 28.38
C PHE C 28 -8.04 21.10 28.57
N SER C 29 -7.13 21.58 29.41
CA SER C 29 -6.96 23.01 29.58
C SER C 29 -6.51 23.64 28.27
N ALA C 30 -5.40 23.12 27.74
CA ALA C 30 -4.84 23.62 26.50
C ALA C 30 -5.86 23.61 25.35
N ILE C 31 -6.45 22.45 25.11
CA ILE C 31 -7.40 22.27 24.02
C ILE C 31 -8.63 23.17 24.18
N GLY C 32 -9.13 23.28 25.42
CA GLY C 32 -10.24 24.19 25.67
C GLY C 32 -9.89 25.63 25.30
N ASN C 33 -8.73 26.07 25.78
CA ASN C 33 -8.23 27.39 25.45
C ASN C 33 -8.19 27.61 23.95
N VAL C 34 -7.66 26.63 23.24
CA VAL C 34 -7.55 26.73 21.78
C VAL C 34 -8.92 26.82 21.15
N GLU C 35 -9.87 26.03 21.64
CA GLU C 35 -11.26 26.08 21.15
C GLU C 35 -11.80 27.51 21.22
N CYS C 36 -11.72 28.07 22.42
CA CYS C 36 -12.23 29.43 22.65
C CYS C 36 -11.52 30.48 21.78
N GLN C 37 -10.19 30.45 21.75
CA GLN C 37 -9.44 31.44 20.99
C GLN C 37 -9.76 31.35 19.49
N TRP C 38 -9.91 30.11 19.02
CA TRP C 38 -10.24 29.84 17.64
C TRP C 38 -11.58 30.44 17.30
N PHE C 39 -12.54 30.29 18.21
CA PHE C 39 -13.83 30.93 18.02
C PHE C 39 -13.72 32.46 17.99
N LEU C 40 -12.99 33.02 18.95
CA LEU C 40 -12.91 34.47 19.08
C LEU C 40 -12.13 35.09 17.94
N ALA C 41 -11.52 34.26 17.11
CA ALA C 41 -10.84 34.77 15.93
C ALA C 41 -11.86 35.00 14.81
N GLY C 42 -13.06 34.44 14.97
CA GLY C 42 -14.11 34.62 13.98
C GLY C 42 -14.52 33.32 13.30
N HIS C 43 -14.28 32.20 13.98
CA HIS C 43 -14.56 30.90 13.41
C HIS C 43 -15.64 30.16 14.19
N PRO C 44 -16.24 29.15 13.55
CA PRO C 44 -17.24 28.37 14.27
C PRO C 44 -16.67 27.70 15.50
N LEU C 45 -17.43 27.68 16.58
CA LEU C 45 -17.02 27.03 17.81
C LEU C 45 -16.89 25.55 17.56
N THR C 46 -15.66 25.07 17.58
CA THR C 46 -15.38 23.69 17.22
C THR C 46 -14.87 22.95 18.44
N ASN C 47 -15.36 21.73 18.64
CA ASN C 47 -14.78 20.84 19.64
C ASN C 47 -13.46 20.28 19.12
N LEU C 48 -12.38 20.46 19.86
CA LEU C 48 -11.08 20.01 19.42
C LEU C 48 -10.60 18.82 20.24
N SER C 49 -9.53 18.16 19.75
CA SER C 49 -9.11 16.87 20.28
C SER C 49 -8.08 16.97 21.40
N GLU C 50 -8.43 16.44 22.57
CA GLU C 50 -7.48 16.31 23.66
C GLU C 50 -6.61 15.08 23.44
N GLN C 51 -7.20 14.09 22.77
CA GLN C 51 -6.53 12.83 22.51
C GLN C 51 -5.31 13.03 21.63
N MET C 52 -5.34 14.05 20.78
CA MET C 52 -4.19 14.39 19.96
C MET C 52 -2.99 14.69 20.85
N LEU C 53 -3.22 15.49 21.90
CA LEU C 53 -2.14 15.85 22.80
C LEU C 53 -1.74 14.66 23.65
N VAL C 54 -2.71 13.88 24.11
CA VAL C 54 -2.37 12.74 24.95
C VAL C 54 -1.54 11.68 24.21
N SER C 55 -1.93 11.37 22.98
CA SER C 55 -1.29 10.29 22.22
C SER C 55 -0.06 10.73 21.44
N CYS C 56 -0.13 11.90 20.82
CA CYS C 56 0.93 12.33 19.90
C CYS C 56 1.99 13.20 20.54
N ASP C 57 1.59 14.03 21.51
CA ASP C 57 2.54 14.93 22.14
C ASP C 57 3.44 14.15 23.07
N LYS C 58 4.65 13.87 22.60
CA LYS C 58 5.58 13.03 23.35
C LYS C 58 6.52 13.87 24.21
N THR C 59 6.43 15.19 24.08
CA THR C 59 7.15 16.09 24.98
C THR C 59 6.54 16.02 26.37
N ASP C 60 5.22 15.93 26.41
CA ASP C 60 4.51 15.74 27.67
C ASP C 60 4.26 14.25 27.85
N SER C 61 3.66 13.87 28.97
CA SER C 61 3.65 12.46 29.34
C SER C 61 2.27 11.82 29.38
N GLY C 62 1.45 12.09 28.36
CA GLY C 62 0.16 11.45 28.19
C GLY C 62 -0.74 11.43 29.42
N CYS C 63 -1.10 10.24 29.88
CA CYS C 63 -2.01 10.11 31.03
C CYS C 63 -1.25 10.18 32.33
N SER C 64 0.05 10.47 32.24
CA SER C 64 0.91 10.57 33.41
C SER C 64 1.14 12.03 33.80
N GLY C 65 0.74 12.94 32.92
CA GLY C 65 0.84 14.38 33.20
C GLY C 65 1.38 15.21 32.06
N GLY C 66 1.41 16.53 32.26
CA GLY C 66 1.91 17.46 31.27
C GLY C 66 1.71 18.91 31.65
N LEU C 67 2.10 19.82 30.76
CA LEU C 67 1.92 21.26 30.97
C LEU C 67 1.31 21.92 29.75
N MET C 68 0.46 22.92 29.99
CA MET C 68 -0.21 23.63 28.91
C MET C 68 0.78 24.34 27.99
N ASN C 69 1.75 25.01 28.59
CA ASN C 69 2.79 25.66 27.79
C ASN C 69 3.51 24.68 26.88
N ASN C 70 3.89 23.54 27.43
CA ASN C 70 4.56 22.51 26.64
C ASN C 70 3.66 21.98 25.53
N ALA C 71 2.36 21.93 25.81
CA ALA C 71 1.39 21.49 24.81
C ALA C 71 1.33 22.47 23.64
N PHE C 72 1.22 23.76 23.95
CA PHE C 72 1.22 24.81 22.92
C PHE C 72 2.49 24.74 22.09
N GLU C 73 3.61 24.59 22.80
CA GLU C 73 4.93 24.46 22.20
C GLU C 73 4.94 23.31 21.18
N TRP C 74 4.42 22.16 21.61
CA TRP C 74 4.38 20.98 20.75
C TRP C 74 3.48 21.16 19.53
N ILE C 75 2.30 21.72 19.74
CA ILE C 75 1.36 21.93 18.65
C ILE C 75 2.01 22.79 17.58
N VAL C 76 2.63 23.88 18.02
CA VAL C 76 3.21 24.80 17.05
C VAL C 76 4.44 24.23 16.33
N GLN C 77 5.38 23.71 17.12
CA GLN C 77 6.69 23.34 16.57
C GLN C 77 6.81 21.93 15.98
N GLU C 78 6.00 20.99 16.44
CA GLU C 78 6.11 19.61 15.96
C GLU C 78 4.95 19.19 15.05
N ASN C 79 3.77 19.76 15.29
CA ASN C 79 2.56 19.33 14.58
C ASN C 79 2.04 20.39 13.61
N ASN C 80 2.94 21.27 13.17
CA ASN C 80 2.62 22.32 12.20
C ASN C 80 1.53 23.29 12.63
N GLY C 81 1.26 23.36 13.93
CA GLY C 81 0.29 24.30 14.47
C GLY C 81 -1.13 23.79 14.43
N ALA C 82 -1.29 22.55 13.95
CA ALA C 82 -2.60 21.97 13.75
C ALA C 82 -3.19 21.35 15.01
N VAL C 83 -4.47 21.65 15.23
CA VAL C 83 -5.24 20.99 16.27
C VAL C 83 -6.44 20.31 15.63
N TYR C 84 -6.48 18.99 15.75
CA TYR C 84 -7.51 18.19 15.11
C TYR C 84 -8.82 18.39 15.83
N THR C 85 -9.91 18.11 15.12
CA THR C 85 -11.23 18.16 15.72
C THR C 85 -11.40 16.98 16.68
N GLU C 86 -12.18 17.18 17.72
CA GLU C 86 -12.48 16.10 18.67
C GLU C 86 -13.29 15.03 17.97
N ASP C 87 -14.02 15.45 16.94
CA ASP C 87 -14.88 14.54 16.20
C ASP C 87 -14.07 13.55 15.38
N SER C 88 -12.93 14.00 14.85
CA SER C 88 -12.10 13.14 14.00
C SER C 88 -10.98 12.48 14.78
N TYR C 89 -10.84 12.85 16.05
CA TYR C 89 -9.83 12.26 16.92
C TYR C 89 -10.38 12.19 18.33
N PRO C 90 -11.38 11.32 18.54
CA PRO C 90 -12.12 11.28 19.80
C PRO C 90 -11.29 10.79 20.98
N TYR C 91 -11.73 11.17 22.17
CA TYR C 91 -11.03 10.83 23.39
C TYR C 91 -11.21 9.35 23.71
N ALA C 92 -10.11 8.65 23.96
CA ALA C 92 -10.17 7.21 24.21
C ALA C 92 -9.33 6.83 25.42
N SER C 93 -8.79 7.84 26.09
CA SER C 93 -7.92 7.61 27.23
C SER C 93 -8.71 7.70 28.53
N GLY C 94 -10.01 7.46 28.45
CA GLY C 94 -10.89 7.59 29.60
C GLY C 94 -10.60 6.65 30.75
N GLU C 95 -10.13 5.44 30.46
CA GLU C 95 -9.86 4.47 31.51
C GLU C 95 -8.37 4.36 31.78
N GLY C 96 -7.61 5.26 31.14
CA GLY C 96 -6.18 5.34 31.35
C GLY C 96 -5.35 4.73 30.23
N ILE C 97 -5.99 4.14 29.23
CA ILE C 97 -5.23 3.51 28.16
C ILE C 97 -5.14 4.44 26.96
N SER C 98 -3.95 4.97 26.74
CA SER C 98 -3.71 5.92 25.67
C SER C 98 -3.19 5.26 24.40
N PRO C 99 -4.03 5.24 23.34
CA PRO C 99 -3.73 4.68 22.03
C PRO C 99 -2.49 5.29 21.38
N PRO C 100 -2.00 4.67 20.29
CA PRO C 100 -0.84 5.25 19.61
C PRO C 100 -1.21 6.43 18.75
N CYS C 101 -0.21 7.22 18.36
CA CYS C 101 -0.43 8.38 17.52
C CYS C 101 -0.72 8.00 16.08
N THR C 102 -1.76 8.61 15.52
CA THR C 102 -2.07 8.43 14.11
C THR C 102 -2.07 9.79 13.43
N THR C 103 -1.40 9.89 12.28
CA THR C 103 -1.25 11.16 11.60
C THR C 103 -1.84 11.10 10.21
N SER C 104 -2.78 10.18 10.00
CA SER C 104 -3.35 10.01 8.69
C SER C 104 -4.88 10.18 8.65
N GLY C 105 -5.32 11.19 7.91
CA GLY C 105 -6.72 11.36 7.56
C GLY C 105 -7.56 12.26 8.45
N HIS C 106 -6.93 12.87 9.46
CA HIS C 106 -7.68 13.67 10.43
C HIS C 106 -8.04 15.07 9.92
N THR C 107 -8.96 15.72 10.61
CA THR C 107 -9.45 17.03 10.20
C THR C 107 -8.92 18.12 11.11
N VAL C 108 -8.33 19.16 10.51
CA VAL C 108 -7.77 20.27 11.29
C VAL C 108 -8.86 21.20 11.79
N GLY C 109 -9.08 21.21 13.09
CA GLY C 109 -10.11 22.04 13.67
C GLY C 109 -9.64 23.45 13.93
N ALA C 110 -8.38 23.58 14.29
CA ALA C 110 -7.80 24.89 14.57
C ALA C 110 -6.35 24.98 14.13
N THR C 111 -5.88 26.20 13.90
CA THR C 111 -4.49 26.43 13.56
C THR C 111 -3.91 27.53 14.44
N ILE C 112 -3.00 27.17 15.35
CA ILE C 112 -2.35 28.19 16.15
C ILE C 112 -0.94 28.45 15.63
N THR C 113 -0.40 29.62 15.95
CA THR C 113 0.92 30.03 15.47
C THR C 113 1.90 30.27 16.62
N GLY C 114 1.40 30.26 17.85
CA GLY C 114 2.24 30.41 19.01
C GLY C 114 1.43 30.41 20.29
N HIS C 115 1.98 31.03 21.31
CA HIS C 115 1.27 31.21 22.58
C HIS C 115 1.90 32.29 23.42
N VAL C 116 1.18 32.76 24.43
CA VAL C 116 1.73 33.73 25.35
C VAL C 116 1.61 33.23 26.77
N GLU C 117 2.57 33.63 27.60
CA GLU C 117 2.48 33.34 29.02
C GLU C 117 2.14 34.67 29.67
N LEU C 118 1.23 34.63 30.63
CA LEU C 118 0.71 35.86 31.23
C LEU C 118 1.35 36.14 32.57
N PRO C 119 1.44 37.44 32.91
CA PRO C 119 2.04 37.82 34.19
C PRO C 119 1.40 37.12 35.37
N GLN C 120 2.16 37.03 36.45
CA GLN C 120 1.68 36.44 37.68
C GLN C 120 0.98 37.52 38.48
N ASP C 121 -0.15 37.96 37.92
CA ASP C 121 -0.93 39.07 38.43
C ASP C 121 -2.39 38.82 38.08
N GLU C 122 -3.24 38.66 39.09
CA GLU C 122 -4.65 38.37 38.84
C GLU C 122 -5.31 39.50 38.06
N ALA C 123 -4.85 40.72 38.30
CA ALA C 123 -5.43 41.90 37.64
C ALA C 123 -5.12 41.94 36.15
N GLN C 124 -3.87 41.66 35.80
CA GLN C 124 -3.45 41.66 34.41
C GLN C 124 -4.03 40.47 33.66
N ILE C 125 -4.13 39.34 34.36
CA ILE C 125 -4.78 38.16 33.79
C ILE C 125 -6.25 38.45 33.50
N ALA C 126 -6.94 39.08 34.44
CA ALA C 126 -8.34 39.41 34.24
C ALA C 126 -8.52 40.41 33.10
N ALA C 127 -7.70 41.45 33.11
CA ALA C 127 -7.73 42.48 32.08
C ALA C 127 -7.45 41.90 30.70
N TRP C 128 -6.57 40.91 30.66
CA TRP C 128 -6.21 40.28 29.40
C TRP C 128 -7.40 39.44 28.94
N LEU C 129 -7.99 38.71 29.89
CA LEU C 129 -9.08 37.79 29.59
C LEU C 129 -10.32 38.53 29.09
N ALA C 130 -10.56 39.71 29.63
CA ALA C 130 -11.73 40.50 29.26
C ALA C 130 -11.66 40.95 27.81
N VAL C 131 -10.46 40.99 27.27
CA VAL C 131 -10.24 41.46 25.91
C VAL C 131 -10.01 40.33 24.93
N ASN C 132 -9.17 39.37 25.31
CA ASN C 132 -8.69 38.37 24.38
C ASN C 132 -9.23 36.97 24.62
N GLY C 133 -10.01 36.80 25.69
CA GLY C 133 -10.69 35.54 25.91
C GLY C 133 -10.11 34.65 26.98
N PRO C 134 -10.69 33.44 27.12
CA PRO C 134 -10.37 32.42 28.14
C PRO C 134 -8.88 32.08 28.22
N VAL C 135 -8.43 31.84 29.45
CA VAL C 135 -7.02 31.62 29.73
C VAL C 135 -6.75 30.27 30.38
N ALA C 136 -5.80 29.51 29.83
CA ALA C 136 -5.41 28.24 30.44
C ALA C 136 -4.57 28.50 31.69
N VAL C 137 -4.98 27.94 32.82
CA VAL C 137 -4.21 28.14 34.05
C VAL C 137 -4.01 26.86 34.84
N ALA C 138 -2.94 26.85 35.63
CA ALA C 138 -2.66 25.71 36.48
C ALA C 138 -3.00 26.03 37.93
N VAL C 139 -3.59 25.06 38.63
CA VAL C 139 -4.02 25.27 40.02
C VAL C 139 -3.69 24.10 40.93
N ASP C 140 -3.92 24.32 42.23
CA ASP C 140 -3.82 23.27 43.22
C ASP C 140 -5.23 22.82 43.58
N ALA C 141 -5.70 21.78 42.90
CA ALA C 141 -7.08 21.34 43.06
C ALA C 141 -7.22 20.25 44.12
N SER C 142 -6.27 20.23 45.06
CA SER C 142 -6.27 19.20 46.09
C SER C 142 -7.53 19.31 46.95
N SER C 143 -8.03 20.52 47.12
CA SER C 143 -9.23 20.72 47.93
C SER C 143 -10.46 20.91 47.04
N TRP C 144 -10.39 20.39 45.81
CA TRP C 144 -11.49 20.59 44.88
C TRP C 144 -12.43 19.39 44.86
N MET C 145 -12.00 18.31 45.49
CA MET C 145 -12.79 17.07 45.49
C MET C 145 -14.09 17.24 46.27
N THR C 146 -14.09 18.19 47.21
CA THR C 146 -15.21 18.38 48.13
C THR C 146 -16.15 19.51 47.70
N TYR C 147 -15.86 20.08 46.54
CA TYR C 147 -16.61 21.23 46.06
C TYR C 147 -17.99 20.83 45.55
N THR C 148 -19.01 21.56 45.98
CA THR C 148 -20.37 21.29 45.54
C THR C 148 -21.02 22.56 44.99
N GLY C 149 -20.39 23.70 45.26
CA GLY C 149 -20.87 24.97 44.76
C GLY C 149 -20.44 26.13 45.63
N GLY C 150 -20.65 27.35 45.16
CA GLY C 150 -20.31 28.53 45.92
C GLY C 150 -18.91 29.06 45.65
N VAL C 151 -18.61 30.22 46.22
CA VAL C 151 -17.31 30.86 46.03
C VAL C 151 -16.28 30.34 47.02
N MET C 152 -15.36 29.52 46.53
CA MET C 152 -14.31 28.95 47.37
C MET C 152 -13.36 30.05 47.85
N THR C 153 -13.08 30.06 49.15
CA THR C 153 -12.30 31.11 49.78
C THR C 153 -11.12 30.57 50.61
N SER C 154 -11.13 29.25 50.84
CA SER C 154 -10.08 28.63 51.62
C SER C 154 -9.44 27.48 50.86
N CYS C 155 -9.06 27.76 49.62
CA CYS C 155 -8.45 26.76 48.76
C CYS C 155 -7.04 26.41 49.22
N VAL C 156 -6.71 25.12 49.21
CA VAL C 156 -5.35 24.68 49.53
C VAL C 156 -4.41 25.13 48.42
N SER C 157 -3.49 26.04 48.77
CA SER C 157 -2.65 26.66 47.75
C SER C 157 -1.19 26.29 47.94
N GLU C 158 -0.86 25.02 47.71
CA GLU C 158 0.49 24.53 47.98
C GLU C 158 1.24 24.08 46.73
N GLN C 159 0.64 23.21 45.93
CA GLN C 159 1.36 22.70 44.75
C GLN C 159 0.45 22.51 43.55
N LEU C 160 0.88 23.03 42.40
CA LEU C 160 0.11 22.92 41.17
C LEU C 160 0.03 21.46 40.75
N ASP C 161 -1.16 21.01 40.42
CA ASP C 161 -1.35 19.63 40.01
C ASP C 161 -2.49 19.47 39.02
N HIS C 162 -3.18 20.58 38.73
CA HIS C 162 -4.35 20.50 37.87
C HIS C 162 -4.34 21.62 36.84
N GLY C 163 -4.87 21.33 35.65
CA GLY C 163 -4.97 22.32 34.59
C GLY C 163 -6.43 22.63 34.26
N VAL C 164 -6.81 23.89 34.39
CA VAL C 164 -8.20 24.28 34.17
C VAL C 164 -8.27 25.52 33.28
N LEU C 165 -9.49 25.98 33.01
CA LEU C 165 -9.65 27.08 32.07
C LEU C 165 -10.45 28.27 32.63
N LEU C 166 -9.76 29.38 32.87
CA LEU C 166 -10.43 30.63 33.23
C LEU C 166 -11.34 31.10 32.10
N VAL C 167 -12.64 31.21 32.37
CA VAL C 167 -13.58 31.68 31.34
C VAL C 167 -14.24 32.99 31.70
N GLY C 168 -13.92 33.52 32.88
CA GLY C 168 -14.48 34.80 33.27
C GLY C 168 -14.32 35.16 34.72
N TYR C 169 -14.73 36.37 35.06
CA TYR C 169 -14.64 36.86 36.42
C TYR C 169 -15.80 37.78 36.77
N ASN C 170 -15.87 38.15 38.05
CA ASN C 170 -16.90 39.05 38.54
C ASN C 170 -16.41 39.84 39.73
N ASP C 171 -16.05 41.09 39.50
CA ASP C 171 -15.54 41.96 40.56
C ASP C 171 -16.65 42.75 41.26
N SER C 172 -17.89 42.58 40.80
CA SER C 172 -18.99 43.37 41.33
C SER C 172 -19.56 42.71 42.57
N ALA C 173 -19.40 41.40 42.67
CA ALA C 173 -19.97 40.65 43.78
C ALA C 173 -19.33 41.06 45.09
N ALA C 174 -19.98 40.69 46.20
CA ALA C 174 -19.43 40.96 47.51
C ALA C 174 -18.07 40.28 47.65
N VAL C 175 -17.99 39.04 47.17
CA VAL C 175 -16.73 38.32 47.10
C VAL C 175 -16.38 38.04 45.65
N PRO C 176 -15.49 38.86 45.07
CA PRO C 176 -15.02 38.72 43.68
C PRO C 176 -14.51 37.32 43.38
N TYR C 177 -14.85 36.80 42.21
CA TYR C 177 -14.50 35.44 41.87
C TYR C 177 -14.08 35.23 40.42
N TRP C 178 -13.28 34.18 40.21
CA TRP C 178 -12.98 33.63 38.90
C TRP C 178 -14.00 32.55 38.59
N ILE C 179 -14.44 32.54 37.33
CA ILE C 179 -15.27 31.48 36.79
C ILE C 179 -14.38 30.50 36.03
N ILE C 180 -14.32 29.26 36.52
CA ILE C 180 -13.35 28.30 36.01
C ILE C 180 -13.99 27.01 35.46
N LYS C 181 -13.61 26.66 34.24
CA LYS C 181 -14.06 25.43 33.59
C LYS C 181 -13.13 24.26 33.90
N ASN C 182 -13.75 23.14 34.31
CA ASN C 182 -13.02 21.95 34.71
C ASN C 182 -13.29 20.71 33.83
N SER C 183 -12.53 19.64 34.05
CA SER C 183 -12.63 18.43 33.22
C SER C 183 -13.17 17.24 33.98
N TRP C 184 -14.12 17.48 34.87
CA TRP C 184 -14.66 16.42 35.72
C TRP C 184 -16.16 16.21 35.53
N THR C 185 -16.60 16.16 34.27
CA THR C 185 -18.02 16.03 33.90
C THR C 185 -18.86 17.22 34.37
N THR C 186 -20.14 17.18 34.08
CA THR C 186 -21.03 18.29 34.45
C THR C 186 -21.60 18.01 35.83
N GLN C 187 -21.24 16.86 36.36
CA GLN C 187 -21.80 16.42 37.63
C GLN C 187 -21.06 17.06 38.81
N TRP C 188 -19.82 17.46 38.55
CA TRP C 188 -18.97 18.04 39.59
C TRP C 188 -19.20 19.54 39.71
N GLY C 189 -19.18 20.04 40.94
CA GLY C 189 -19.32 21.47 41.19
C GLY C 189 -20.61 22.06 40.63
N GLU C 190 -20.48 23.28 40.10
CA GLU C 190 -21.63 23.99 39.53
C GLU C 190 -21.78 23.67 38.05
N GLU C 191 -22.39 22.53 37.76
CA GLU C 191 -22.63 22.06 36.39
C GLU C 191 -21.32 21.96 35.62
N GLY C 192 -20.26 21.61 36.33
CA GLY C 192 -18.94 21.43 35.75
C GLY C 192 -17.98 22.58 35.98
N TYR C 193 -18.51 23.71 36.42
CA TYR C 193 -17.67 24.88 36.66
C TYR C 193 -17.43 25.11 38.14
N ILE C 194 -16.48 25.99 38.45
CA ILE C 194 -16.17 26.31 39.84
C ILE C 194 -15.75 27.77 39.97
N ARG C 195 -16.27 28.43 41.00
CA ARG C 195 -15.89 29.80 41.30
C ARG C 195 -14.89 29.88 42.44
N ILE C 196 -13.79 30.59 42.23
CA ILE C 196 -12.82 30.75 43.32
C ILE C 196 -12.61 32.23 43.61
N ALA C 197 -12.22 32.55 44.83
CA ALA C 197 -12.04 33.96 45.21
C ALA C 197 -10.97 34.65 44.34
N LYS C 198 -11.30 35.83 43.84
CA LYS C 198 -10.37 36.56 43.00
C LYS C 198 -9.68 37.67 43.79
N GLY C 199 -8.35 37.66 43.81
CA GLY C 199 -7.60 38.69 44.49
C GLY C 199 -6.75 38.14 45.62
N SER C 200 -6.93 36.86 45.92
CA SER C 200 -6.18 36.24 47.01
C SER C 200 -5.36 35.06 46.54
N ASN C 201 -5.16 34.97 45.21
CA ASN C 201 -4.34 33.92 44.60
C ASN C 201 -4.73 32.52 45.09
N GLN C 202 -6.04 32.27 45.10
CA GLN C 202 -6.57 30.97 45.50
C GLN C 202 -6.03 29.89 44.56
N CYS C 203 -5.67 28.74 45.14
CA CYS C 203 -5.18 27.60 44.38
C CYS C 203 -3.95 27.93 43.52
N LEU C 204 -3.29 29.04 43.86
CA LEU C 204 -2.13 29.52 43.11
C LEU C 204 -2.48 29.81 41.65
N VAL C 205 -3.68 30.35 41.42
CA VAL C 205 -4.22 30.47 40.07
C VAL C 205 -3.36 31.34 39.14
N LYS C 206 -2.68 32.35 39.68
CA LYS C 206 -1.96 33.29 38.83
C LYS C 206 -0.56 32.81 38.47
N GLU C 207 -0.13 31.67 39.04
CA GLU C 207 1.26 31.24 38.89
C GLU C 207 1.62 30.87 37.44
N GLU C 208 0.74 30.15 36.76
CA GLU C 208 0.99 29.74 35.39
C GLU C 208 -0.19 29.99 34.45
N ALA C 209 -0.21 31.16 33.81
CA ALA C 209 -1.29 31.51 32.88
C ALA C 209 -0.83 31.56 31.43
N SER C 210 -1.51 30.82 30.57
CA SER C 210 -1.14 30.74 29.16
C SER C 210 -2.36 30.83 28.26
N SER C 211 -2.13 31.17 27.00
CA SER C 211 -3.15 31.12 25.99
C SER C 211 -2.52 30.91 24.63
N ALA C 212 -3.19 30.14 23.78
CA ALA C 212 -2.71 29.95 22.43
C ALA C 212 -2.94 31.24 21.64
N VAL C 213 -2.18 31.40 20.55
CA VAL C 213 -2.33 32.52 19.64
C VAL C 213 -2.72 31.93 18.30
N VAL C 214 -3.74 32.49 17.69
CA VAL C 214 -4.38 31.86 16.53
C VAL C 214 -4.00 32.45 15.18
N GLY C 215 -3.88 31.55 14.19
CA GLY C 215 -3.56 31.90 12.83
C GLY C 215 -4.72 31.73 11.87
N ALA D 1 1.70 -7.38 2.09
CA ALA D 1 1.03 -8.39 1.29
C ALA D 1 -0.40 -7.96 0.98
N PRO D 2 -0.91 -8.35 -0.21
CA PRO D 2 -2.29 -8.04 -0.57
C PRO D 2 -3.28 -8.63 0.42
N ALA D 3 -4.53 -8.16 0.36
CA ALA D 3 -5.54 -8.65 1.29
C ALA D 3 -6.06 -10.00 0.82
N ALA D 4 -6.03 -10.21 -0.49
CA ALA D 4 -6.48 -11.48 -1.03
C ALA D 4 -5.72 -11.82 -2.30
N VAL D 5 -5.37 -13.10 -2.42
CA VAL D 5 -4.69 -13.58 -3.61
C VAL D 5 -5.33 -14.90 -4.00
N ASP D 6 -5.59 -15.06 -5.29
CA ASP D 6 -6.09 -16.33 -5.82
C ASP D 6 -5.50 -16.57 -7.21
N TRP D 7 -4.57 -17.52 -7.28
CA TRP D 7 -3.82 -17.76 -8.51
C TRP D 7 -4.65 -18.46 -9.60
N ARG D 8 -5.84 -18.92 -9.23
CA ARG D 8 -6.76 -19.46 -10.21
C ARG D 8 -7.27 -18.35 -11.14
N ALA D 9 -7.43 -17.15 -10.57
CA ALA D 9 -7.90 -15.99 -11.32
C ALA D 9 -6.82 -15.43 -12.23
N ARG D 10 -5.58 -15.88 -12.02
CA ARG D 10 -4.43 -15.43 -12.79
C ARG D 10 -4.02 -16.48 -13.83
N GLY D 11 -4.87 -17.47 -14.01
CA GLY D 11 -4.69 -18.52 -14.98
C GLY D 11 -3.50 -19.42 -14.71
N ALA D 12 -3.16 -19.56 -13.43
CA ALA D 12 -1.93 -20.26 -13.04
C ALA D 12 -2.15 -21.66 -12.48
N VAL D 13 -3.39 -22.06 -12.23
CA VAL D 13 -3.63 -23.38 -11.65
C VAL D 13 -4.34 -24.30 -12.64
N THR D 14 -3.87 -25.55 -12.72
CA THR D 14 -4.47 -26.55 -13.59
C THR D 14 -5.76 -27.12 -12.99
N ALA D 15 -6.40 -28.00 -13.74
CA ALA D 15 -7.62 -28.61 -13.28
C ALA D 15 -7.34 -29.60 -12.14
N VAL D 16 -8.31 -29.75 -11.26
CA VAL D 16 -8.21 -30.68 -10.14
C VAL D 16 -8.05 -32.11 -10.62
N LYS D 17 -7.14 -32.84 -10.00
CA LYS D 17 -6.89 -34.21 -10.42
C LYS D 17 -7.40 -35.23 -9.41
N ASP D 18 -7.17 -36.51 -9.69
CA ASP D 18 -7.68 -37.58 -8.84
C ASP D 18 -6.55 -38.56 -8.55
N GLN D 19 -6.19 -38.67 -7.28
CA GLN D 19 -5.03 -39.47 -6.91
C GLN D 19 -5.39 -40.95 -6.88
N GLY D 20 -6.69 -41.24 -6.88
CA GLY D 20 -7.18 -42.60 -6.87
C GLY D 20 -6.87 -43.29 -5.54
N GLN D 21 -6.77 -44.62 -5.59
CA GLN D 21 -6.45 -45.40 -4.41
C GLN D 21 -4.94 -45.51 -4.22
N CYS D 22 -4.28 -44.39 -3.98
CA CYS D 22 -2.84 -44.37 -3.79
C CYS D 22 -2.45 -43.20 -2.91
N GLY D 23 -1.60 -43.45 -1.92
CA GLY D 23 -1.19 -42.40 -1.00
C GLY D 23 -0.10 -41.53 -1.60
N SER D 24 -0.35 -41.03 -2.80
CA SER D 24 0.64 -40.28 -3.55
C SER D 24 0.30 -38.80 -3.53
N CYS D 25 -0.26 -38.36 -2.41
CA CYS D 25 -0.62 -36.96 -2.23
C CYS D 25 0.60 -36.07 -2.40
N TRP D 26 1.76 -36.58 -1.97
CA TRP D 26 3.02 -35.87 -2.12
C TRP D 26 3.33 -35.51 -3.56
N ALA D 27 3.16 -36.49 -4.45
CA ALA D 27 3.45 -36.28 -5.86
C ALA D 27 2.52 -35.23 -6.46
N PHE D 28 1.25 -35.29 -6.06
CA PHE D 28 0.27 -34.34 -6.57
C PHE D 28 0.53 -32.93 -6.07
N SER D 29 0.98 -32.83 -4.82
CA SER D 29 1.34 -31.55 -4.23
C SER D 29 2.53 -30.92 -4.97
N ALA D 30 3.62 -31.68 -5.00
CA ALA D 30 4.84 -31.22 -5.65
C ALA D 30 4.60 -30.86 -7.12
N ILE D 31 4.02 -31.80 -7.87
CA ILE D 31 3.83 -31.60 -9.30
C ILE D 31 2.89 -30.44 -9.59
N GLY D 32 1.84 -30.30 -8.79
CA GLY D 32 0.95 -29.15 -8.93
C GLY D 32 1.75 -27.87 -8.78
N ASN D 33 2.54 -27.82 -7.71
CA ASN D 33 3.45 -26.69 -7.49
C ASN D 33 4.35 -26.38 -8.69
N VAL D 34 4.95 -27.42 -9.25
CA VAL D 34 5.83 -27.26 -10.40
C VAL D 34 5.05 -26.72 -11.60
N GLU D 35 3.83 -27.21 -11.79
CA GLU D 35 2.96 -26.72 -12.86
C GLU D 35 2.80 -25.22 -12.76
N CYS D 36 2.34 -24.78 -11.59
CA CYS D 36 2.13 -23.36 -11.35
C CYS D 36 3.41 -22.53 -11.53
N GLN D 37 4.51 -23.00 -10.95
CA GLN D 37 5.78 -22.29 -11.03
C GLN D 37 6.27 -22.16 -12.46
N TRP D 38 6.10 -23.22 -13.23
CA TRP D 38 6.49 -23.23 -14.63
C TRP D 38 5.67 -22.21 -15.40
N PHE D 39 4.36 -22.15 -15.12
CA PHE D 39 3.54 -21.12 -15.76
C PHE D 39 3.99 -19.70 -15.39
N LEU D 40 4.23 -19.47 -14.11
CA LEU D 40 4.62 -18.15 -13.63
C LEU D 40 6.03 -17.77 -14.07
N ALA D 41 6.75 -18.72 -14.65
CA ALA D 41 8.08 -18.45 -15.18
C ALA D 41 8.01 -17.83 -16.56
N GLY D 42 6.83 -17.91 -17.18
CA GLY D 42 6.59 -17.32 -18.49
C GLY D 42 6.32 -18.36 -19.56
N HIS D 43 5.92 -19.54 -19.10
CA HIS D 43 5.69 -20.68 -19.98
C HIS D 43 4.22 -21.08 -19.88
N PRO D 44 3.73 -21.84 -20.87
CA PRO D 44 2.33 -22.29 -20.85
C PRO D 44 1.96 -23.15 -19.65
N LEU D 45 0.75 -22.97 -19.14
CA LEU D 45 0.24 -23.79 -18.05
C LEU D 45 0.06 -25.20 -18.58
N THR D 46 0.91 -26.11 -18.12
CA THR D 46 0.92 -27.48 -18.60
C THR D 46 0.58 -28.47 -17.49
N ASN D 47 -0.22 -29.47 -17.82
CA ASN D 47 -0.42 -30.57 -16.88
C ASN D 47 0.82 -31.46 -16.88
N LEU D 48 1.42 -31.63 -15.70
CA LEU D 48 2.66 -32.39 -15.56
C LEU D 48 2.40 -33.72 -14.85
N SER D 49 3.41 -34.59 -14.85
CA SER D 49 3.22 -35.97 -14.43
C SER D 49 3.45 -36.25 -12.95
N GLU D 50 2.41 -36.74 -12.27
CA GLU D 50 2.55 -37.23 -10.91
C GLU D 50 3.10 -38.65 -10.92
N GLN D 51 2.77 -39.39 -11.98
CA GLN D 51 3.18 -40.79 -12.12
C GLN D 51 4.69 -40.95 -12.21
N MET D 52 5.35 -39.94 -12.76
CA MET D 52 6.81 -39.93 -12.87
C MET D 52 7.46 -40.09 -11.52
N LEU D 53 6.99 -39.32 -10.55
CA LEU D 53 7.53 -39.36 -9.21
C LEU D 53 7.14 -40.65 -8.52
N VAL D 54 5.90 -41.09 -8.73
CA VAL D 54 5.40 -42.28 -8.07
C VAL D 54 6.21 -43.51 -8.47
N SER D 55 6.55 -43.59 -9.74
CA SER D 55 7.26 -44.75 -10.27
C SER D 55 8.77 -44.65 -10.15
N CYS D 56 9.32 -43.48 -10.49
CA CYS D 56 10.77 -43.32 -10.65
C CYS D 56 11.50 -42.81 -9.42
N ASP D 57 10.85 -41.94 -8.65
CA ASP D 57 11.47 -41.35 -7.47
C ASP D 57 11.60 -42.39 -6.36
N LYS D 58 12.81 -42.89 -6.17
CA LYS D 58 13.03 -43.98 -5.22
C LYS D 58 13.40 -43.51 -3.83
N THR D 59 13.59 -42.20 -3.67
CA THR D 59 13.80 -41.63 -2.34
C THR D 59 12.50 -41.73 -1.56
N ASP D 60 11.40 -41.52 -2.26
CA ASP D 60 10.08 -41.69 -1.68
C ASP D 60 9.56 -43.07 -2.06
N SER D 61 8.38 -43.42 -1.56
CA SER D 61 7.90 -44.79 -1.67
C SER D 61 6.60 -44.96 -2.47
N GLY D 62 6.49 -44.28 -3.61
CA GLY D 62 5.36 -44.46 -4.51
C GLY D 62 3.98 -44.38 -3.84
N CYS D 63 3.24 -45.48 -3.89
CA CYS D 63 1.89 -45.51 -3.33
C CYS D 63 1.92 -45.81 -1.85
N SER D 64 3.13 -45.87 -1.29
CA SER D 64 3.29 -46.15 0.13
C SER D 64 3.48 -44.85 0.89
N GLY D 65 3.72 -43.76 0.18
CA GLY D 65 3.86 -42.47 0.82
C GLY D 65 5.08 -41.72 0.29
N GLY D 66 5.27 -40.51 0.79
CA GLY D 66 6.43 -39.72 0.41
C GLY D 66 6.41 -38.30 0.94
N LEU D 67 7.42 -37.53 0.56
CA LEU D 67 7.51 -36.10 0.91
C LEU D 67 7.82 -35.28 -0.32
N MET D 68 7.25 -34.08 -0.37
CA MET D 68 7.47 -33.19 -1.49
C MET D 68 8.93 -32.76 -1.61
N ASN D 69 9.55 -32.44 -0.48
CA ASN D 69 10.96 -32.03 -0.50
C ASN D 69 11.85 -33.08 -1.14
N ASN D 70 11.61 -34.34 -0.79
CA ASN D 70 12.35 -35.44 -1.36
C ASN D 70 12.09 -35.52 -2.87
N ALA D 71 10.87 -35.17 -3.27
CA ALA D 71 10.50 -35.18 -4.69
C ALA D 71 11.27 -34.12 -5.47
N PHE D 72 11.27 -32.90 -4.95
CA PHE D 72 12.04 -31.81 -5.56
C PHE D 72 13.51 -32.17 -5.64
N GLU D 73 14.07 -32.68 -4.55
CA GLU D 73 15.46 -33.11 -4.51
C GLU D 73 15.74 -34.15 -5.58
N TRP D 74 14.83 -35.12 -5.70
CA TRP D 74 15.01 -36.17 -6.69
C TRP D 74 15.00 -35.60 -8.10
N ILE D 75 14.04 -34.72 -8.38
CA ILE D 75 13.96 -34.11 -9.70
C ILE D 75 15.26 -33.40 -10.05
N VAL D 76 15.77 -32.61 -9.11
CA VAL D 76 16.96 -31.81 -9.39
C VAL D 76 18.20 -32.70 -9.51
N GLN D 77 18.41 -33.55 -8.52
CA GLN D 77 19.66 -34.29 -8.38
C GLN D 77 19.71 -35.59 -9.19
N GLU D 78 18.56 -36.21 -9.39
CA GLU D 78 18.53 -37.52 -10.01
C GLU D 78 17.97 -37.53 -11.43
N ASN D 79 17.05 -36.61 -11.70
CA ASN D 79 16.37 -36.59 -12.99
C ASN D 79 16.76 -35.40 -13.85
N ASN D 80 17.94 -34.84 -13.55
CA ASN D 80 18.49 -33.74 -14.33
C ASN D 80 17.55 -32.53 -14.39
N GLY D 81 16.67 -32.43 -13.40
CA GLY D 81 15.78 -31.28 -13.28
C GLY D 81 14.51 -31.39 -14.09
N ALA D 82 14.34 -32.51 -14.79
CA ALA D 82 13.22 -32.68 -15.71
C ALA D 82 11.96 -33.17 -15.02
N VAL D 83 10.85 -32.52 -15.38
CA VAL D 83 9.52 -32.96 -14.99
C VAL D 83 8.73 -33.20 -16.27
N TYR D 84 8.32 -34.45 -16.48
CA TYR D 84 7.64 -34.84 -17.71
C TYR D 84 6.19 -34.30 -17.78
N THR D 85 5.65 -34.23 -18.99
CA THR D 85 4.26 -33.85 -19.16
C THR D 85 3.35 -34.98 -18.67
N GLU D 86 2.13 -34.60 -18.28
CA GLU D 86 1.10 -35.57 -17.90
C GLU D 86 0.71 -36.41 -19.10
N ASP D 87 0.85 -35.82 -20.28
CA ASP D 87 0.46 -36.46 -21.53
C ASP D 87 1.37 -37.62 -21.90
N SER D 88 2.67 -37.44 -21.64
CA SER D 88 3.67 -38.43 -22.03
C SER D 88 4.00 -39.38 -20.88
N TYR D 89 3.42 -39.14 -19.71
CA TYR D 89 3.59 -40.02 -18.57
C TYR D 89 2.33 -40.01 -17.69
N PRO D 90 1.26 -40.64 -18.19
CA PRO D 90 -0.06 -40.58 -17.54
C PRO D 90 -0.10 -41.33 -16.21
N TYR D 91 -1.04 -40.92 -15.35
CA TYR D 91 -1.22 -41.52 -14.03
C TYR D 91 -1.81 -42.91 -14.15
N ALA D 92 -1.22 -43.88 -13.45
CA ALA D 92 -1.70 -45.26 -13.56
C ALA D 92 -1.84 -45.95 -12.20
N SER D 93 -1.59 -45.20 -11.13
CA SER D 93 -1.67 -45.78 -9.79
C SER D 93 -3.04 -45.51 -9.17
N GLY D 94 -4.05 -45.31 -10.02
CA GLY D 94 -5.38 -44.97 -9.58
C GLY D 94 -6.00 -46.05 -8.71
N GLU D 95 -5.63 -47.30 -8.96
CA GLU D 95 -6.21 -48.41 -8.22
C GLU D 95 -5.26 -49.01 -7.20
N GLY D 96 -4.10 -48.37 -7.01
CA GLY D 96 -3.14 -48.84 -6.01
C GLY D 96 -1.99 -49.61 -6.64
N ILE D 97 -2.01 -49.73 -7.95
CA ILE D 97 -0.96 -50.45 -8.67
C ILE D 97 0.04 -49.48 -9.25
N SER D 98 1.27 -49.49 -8.70
CA SER D 98 2.30 -48.57 -9.16
C SER D 98 3.21 -49.22 -10.21
N PRO D 99 3.11 -48.76 -11.46
CA PRO D 99 3.90 -49.24 -12.60
C PRO D 99 5.40 -49.09 -12.37
N PRO D 100 6.22 -49.71 -13.24
CA PRO D 100 7.67 -49.55 -13.10
C PRO D 100 8.15 -48.23 -13.69
N CYS D 101 9.37 -47.84 -13.35
CA CYS D 101 9.95 -46.61 -13.86
C CYS D 101 10.41 -46.79 -15.31
N THR D 102 10.05 -45.84 -16.17
CA THR D 102 10.52 -45.83 -17.54
C THR D 102 11.28 -44.54 -17.81
N THR D 103 12.44 -44.67 -18.47
CA THR D 103 13.30 -43.50 -18.69
C THR D 103 13.55 -43.23 -20.17
N SER D 104 12.67 -43.74 -21.03
CA SER D 104 12.89 -43.59 -22.46
C SER D 104 11.75 -42.94 -23.24
N GLY D 105 12.06 -41.81 -23.86
CA GLY D 105 11.19 -41.23 -24.87
C GLY D 105 10.17 -40.21 -24.41
N HIS D 106 10.20 -39.88 -23.12
CA HIS D 106 9.19 -38.98 -22.55
C HIS D 106 9.48 -37.52 -22.86
N THR D 107 8.45 -36.70 -22.67
CA THR D 107 8.53 -35.28 -22.99
C THR D 107 8.61 -34.42 -21.74
N VAL D 108 9.61 -33.55 -21.71
CA VAL D 108 9.84 -32.66 -20.58
C VAL D 108 8.89 -31.46 -20.56
N GLY D 109 7.99 -31.43 -19.58
CA GLY D 109 7.03 -30.35 -19.46
C GLY D 109 7.60 -29.16 -18.72
N ALA D 110 8.47 -29.44 -17.76
CA ALA D 110 9.07 -28.36 -16.99
C ALA D 110 10.51 -28.71 -16.59
N THR D 111 11.31 -27.67 -16.34
CA THR D 111 12.68 -27.85 -15.91
C THR D 111 12.95 -27.00 -14.67
N ILE D 112 13.10 -27.64 -13.52
CA ILE D 112 13.42 -26.90 -12.31
C ILE D 112 14.89 -27.05 -11.95
N THR D 113 15.39 -26.10 -11.17
CA THR D 113 16.79 -26.09 -10.81
C THR D 113 16.94 -26.23 -9.31
N GLY D 114 15.83 -26.17 -8.57
CA GLY D 114 15.95 -26.41 -7.14
C GLY D 114 14.65 -26.32 -6.39
N HIS D 115 14.73 -26.03 -5.09
CA HIS D 115 13.53 -25.78 -4.31
C HIS D 115 13.88 -25.06 -3.02
N VAL D 116 12.86 -24.48 -2.40
CA VAL D 116 13.02 -23.78 -1.14
C VAL D 116 12.04 -24.26 -0.10
N GLU D 117 12.44 -24.08 1.16
CA GLU D 117 11.54 -24.32 2.29
C GLU D 117 11.12 -22.96 2.86
N LEU D 118 9.87 -22.88 3.30
CA LEU D 118 9.35 -21.66 3.89
C LEU D 118 9.28 -21.83 5.41
N PRO D 119 9.44 -20.72 6.14
CA PRO D 119 9.35 -20.72 7.61
C PRO D 119 8.03 -21.30 8.11
N GLN D 120 8.00 -21.71 9.38
CA GLN D 120 6.76 -22.18 9.97
C GLN D 120 5.98 -20.99 10.54
N ASP D 121 5.53 -20.14 9.62
CA ASP D 121 4.88 -18.87 9.92
C ASP D 121 3.94 -18.56 8.77
N GLU D 122 2.63 -18.56 9.05
CA GLU D 122 1.63 -18.37 8.00
C GLU D 122 1.77 -17.02 7.31
N ALA D 123 2.22 -16.02 8.06
CA ALA D 123 2.35 -14.68 7.53
C ALA D 123 3.43 -14.63 6.47
N GLN D 124 4.54 -15.31 6.74
CA GLN D 124 5.67 -15.36 5.82
C GLN D 124 5.38 -16.25 4.61
N ILE D 125 4.65 -17.34 4.85
CA ILE D 125 4.21 -18.23 3.77
C ILE D 125 3.30 -17.46 2.81
N ALA D 126 2.39 -16.68 3.39
CA ALA D 126 1.49 -15.84 2.61
C ALA D 126 2.25 -14.77 1.84
N ALA D 127 3.22 -14.15 2.52
CA ALA D 127 4.03 -13.10 1.91
C ALA D 127 4.76 -13.65 0.68
N TRP D 128 5.21 -14.89 0.77
CA TRP D 128 5.87 -15.54 -0.37
C TRP D 128 4.87 -15.90 -1.46
N LEU D 129 3.73 -16.45 -1.05
CA LEU D 129 2.72 -16.93 -1.98
C LEU D 129 2.13 -15.79 -2.82
N ALA D 130 2.03 -14.62 -2.20
CA ALA D 130 1.44 -13.48 -2.87
C ALA D 130 2.31 -12.99 -4.03
N VAL D 131 3.59 -13.31 -3.98
CA VAL D 131 4.53 -12.83 -4.98
C VAL D 131 4.93 -13.91 -5.99
N ASN D 132 5.25 -15.10 -5.49
CA ASN D 132 5.83 -16.13 -6.35
C ASN D 132 4.96 -17.34 -6.65
N GLY D 133 3.75 -17.36 -6.10
CA GLY D 133 2.79 -18.37 -6.48
C GLY D 133 2.51 -19.49 -5.48
N PRO D 134 1.69 -20.46 -5.90
CA PRO D 134 1.21 -21.59 -5.11
C PRO D 134 2.32 -22.35 -4.42
N VAL D 135 2.04 -22.81 -3.21
CA VAL D 135 3.04 -23.42 -2.36
C VAL D 135 2.62 -24.84 -1.99
N ALA D 136 3.54 -25.79 -2.12
CA ALA D 136 3.25 -27.16 -1.69
C ALA D 136 3.29 -27.23 -0.17
N VAL D 137 2.21 -27.72 0.44
CA VAL D 137 2.20 -27.79 1.89
C VAL D 137 1.71 -29.14 2.39
N ALA D 138 2.16 -29.51 3.59
CA ALA D 138 1.69 -30.75 4.20
C ALA D 138 0.71 -30.44 5.33
N VAL D 139 -0.37 -31.23 5.39
CA VAL D 139 -1.44 -31.02 6.38
C VAL D 139 -1.92 -32.31 7.02
N ASP D 140 -2.80 -32.16 8.01
CA ASP D 140 -3.44 -33.30 8.66
C ASP D 140 -4.87 -33.44 8.14
N ALA D 141 -5.06 -34.26 7.10
CA ALA D 141 -6.36 -34.36 6.44
C ALA D 141 -7.23 -35.50 6.98
N SER D 142 -7.01 -35.86 8.24
CA SER D 142 -7.78 -36.94 8.86
C SER D 142 -9.26 -36.57 8.93
N SER D 143 -9.53 -35.28 9.09
CA SER D 143 -10.91 -34.79 9.21
C SER D 143 -11.44 -34.19 7.92
N TRP D 144 -10.86 -34.60 6.80
CA TRP D 144 -11.22 -34.06 5.48
C TRP D 144 -12.17 -34.89 4.62
N MET D 145 -12.42 -36.14 4.99
CA MET D 145 -13.24 -37.04 4.15
C MET D 145 -14.69 -36.60 4.05
N THR D 146 -15.17 -35.89 5.06
CA THR D 146 -16.58 -35.54 5.18
C THR D 146 -16.87 -34.12 4.74
N TYR D 147 -15.82 -33.46 4.24
CA TYR D 147 -15.91 -32.04 3.89
C TYR D 147 -16.73 -31.82 2.63
N THR D 148 -17.66 -30.87 2.70
CA THR D 148 -18.53 -30.55 1.58
C THR D 148 -18.51 -29.06 1.21
N GLY D 149 -17.95 -28.23 2.08
CA GLY D 149 -17.85 -26.80 1.82
C GLY D 149 -17.74 -25.95 3.06
N GLY D 150 -17.46 -24.66 2.85
CA GLY D 150 -17.34 -23.71 3.94
C GLY D 150 -15.90 -23.58 4.43
N VAL D 151 -15.67 -22.61 5.30
CA VAL D 151 -14.34 -22.39 5.87
C VAL D 151 -14.16 -23.26 7.10
N MET D 152 -13.38 -24.33 6.96
CA MET D 152 -13.17 -25.26 8.07
C MET D 152 -12.44 -24.57 9.21
N THR D 153 -12.96 -24.74 10.42
CA THR D 153 -12.46 -24.02 11.59
C THR D 153 -12.05 -24.93 12.74
N SER D 154 -12.41 -26.21 12.63
CA SER D 154 -12.06 -27.17 13.67
C SER D 154 -11.33 -28.36 13.07
N CYS D 155 -10.33 -28.08 12.24
CA CYS D 155 -9.57 -29.14 11.61
C CYS D 155 -8.70 -29.85 12.66
N VAL D 156 -8.65 -31.18 12.56
CA VAL D 156 -7.81 -31.99 13.45
C VAL D 156 -6.33 -31.74 13.16
N SER D 157 -5.64 -31.12 14.13
CA SER D 157 -4.26 -30.69 13.90
C SER D 157 -3.26 -31.42 14.78
N GLU D 158 -3.07 -32.72 14.54
CA GLU D 158 -2.21 -33.53 15.39
C GLU D 158 -0.99 -34.07 14.66
N GLN D 159 -1.19 -34.74 13.53
CA GLN D 159 -0.05 -35.33 12.81
C GLN D 159 -0.25 -35.30 11.30
N LEU D 160 0.80 -34.85 10.59
CA LEU D 160 0.77 -34.72 9.13
C LEU D 160 0.60 -36.04 8.37
N ASP D 161 -0.28 -36.04 7.37
CA ASP D 161 -0.52 -37.23 6.56
C ASP D 161 -0.91 -36.95 5.10
N HIS D 162 -1.07 -35.68 4.75
CA HIS D 162 -1.58 -35.34 3.42
C HIS D 162 -0.78 -34.22 2.76
N GLY D 163 -0.65 -34.30 1.43
CA GLY D 163 0.05 -33.29 0.68
C GLY D 163 -0.88 -32.52 -0.26
N VAL D 164 -0.94 -31.21 -0.07
CA VAL D 164 -1.85 -30.38 -0.85
C VAL D 164 -1.16 -29.13 -1.37
N LEU D 165 -1.90 -28.30 -2.08
CA LEU D 165 -1.30 -27.11 -2.69
C LEU D 165 -2.01 -25.81 -2.33
N LEU D 166 -1.39 -24.98 -1.48
CA LEU D 166 -1.91 -23.64 -1.22
C LEU D 166 -1.90 -22.83 -2.50
N VAL D 167 -3.08 -22.41 -2.94
CA VAL D 167 -3.18 -21.63 -4.17
C VAL D 167 -3.69 -20.21 -3.92
N GLY D 168 -3.93 -19.87 -2.66
CA GLY D 168 -4.34 -18.52 -2.34
C GLY D 168 -4.87 -18.31 -0.94
N TYR D 169 -5.13 -17.06 -0.60
CA TYR D 169 -5.66 -16.72 0.71
C TYR D 169 -6.61 -15.51 0.61
N ASN D 170 -7.28 -15.22 1.71
CA ASN D 170 -8.19 -14.10 1.79
C ASN D 170 -8.28 -13.58 3.23
N ASP D 171 -7.61 -12.46 3.48
CA ASP D 171 -7.57 -11.86 4.81
C ASP D 171 -8.71 -10.88 5.04
N SER D 172 -9.55 -10.71 4.02
CA SER D 172 -10.65 -9.74 4.07
C SER D 172 -11.91 -10.36 4.65
N ALA D 173 -12.00 -11.69 4.57
CA ALA D 173 -13.20 -12.41 5.02
C ALA D 173 -13.42 -12.25 6.51
N ALA D 174 -14.65 -12.59 6.93
CA ALA D 174 -14.99 -12.57 8.35
C ALA D 174 -14.08 -13.54 9.09
N VAL D 175 -13.88 -14.69 8.47
CA VAL D 175 -12.91 -15.67 8.93
C VAL D 175 -11.89 -15.85 7.81
N PRO D 176 -10.70 -15.23 7.98
CA PRO D 176 -9.62 -15.32 6.98
C PRO D 176 -9.31 -16.77 6.62
N TYR D 177 -9.08 -17.05 5.34
CA TYR D 177 -8.91 -18.43 4.93
C TYR D 177 -7.83 -18.65 3.88
N TRP D 178 -7.25 -19.85 3.92
CA TRP D 178 -6.39 -20.37 2.87
C TRP D 178 -7.25 -21.10 1.87
N ILE D 179 -6.94 -20.91 0.58
CA ILE D 179 -7.56 -21.68 -0.50
C ILE D 179 -6.62 -22.80 -0.90
N ILE D 180 -7.09 -24.04 -0.74
CA ILE D 180 -6.22 -25.19 -0.91
C ILE D 180 -6.71 -26.14 -1.98
N LYS D 181 -5.82 -26.46 -2.93
CA LYS D 181 -6.12 -27.42 -3.96
C LYS D 181 -5.74 -28.82 -3.51
N ASN D 182 -6.68 -29.75 -3.70
CA ASN D 182 -6.52 -31.14 -3.31
C ASN D 182 -6.59 -32.08 -4.51
N SER D 183 -6.30 -33.36 -4.28
CA SER D 183 -6.26 -34.34 -5.37
C SER D 183 -7.36 -35.39 -5.23
N TRP D 184 -8.54 -34.95 -4.78
CA TRP D 184 -9.66 -35.86 -4.56
C TRP D 184 -10.82 -35.53 -5.47
N THR D 185 -10.50 -35.22 -6.73
CA THR D 185 -11.51 -34.85 -7.73
C THR D 185 -12.30 -33.60 -7.41
N THR D 186 -13.29 -33.35 -8.27
CA THR D 186 -14.17 -32.21 -8.16
C THR D 186 -15.44 -32.48 -7.35
N GLN D 187 -15.62 -33.72 -6.93
CA GLN D 187 -16.84 -34.07 -6.21
C GLN D 187 -16.67 -33.66 -4.75
N TRP D 188 -15.42 -33.63 -4.34
CA TRP D 188 -15.05 -33.32 -2.96
C TRP D 188 -14.92 -31.82 -2.75
N GLY D 189 -15.38 -31.36 -1.60
CA GLY D 189 -15.27 -29.97 -1.20
C GLY D 189 -15.88 -28.97 -2.17
N GLU D 190 -15.23 -27.82 -2.28
CA GLU D 190 -15.70 -26.76 -3.15
C GLU D 190 -15.07 -26.92 -4.53
N GLU D 191 -15.66 -27.81 -5.33
CA GLU D 191 -15.14 -28.15 -6.66
C GLU D 191 -13.71 -28.66 -6.60
N GLY D 192 -13.37 -29.37 -5.52
CA GLY D 192 -12.04 -29.94 -5.37
C GLY D 192 -11.13 -29.16 -4.44
N TYR D 193 -11.56 -27.95 -4.11
CA TYR D 193 -10.77 -27.08 -3.25
C TYR D 193 -11.34 -27.06 -1.84
N ILE D 194 -10.57 -26.53 -0.89
CA ILE D 194 -11.03 -26.41 0.48
C ILE D 194 -10.49 -25.13 1.12
N ARG D 195 -11.35 -24.42 1.84
CA ARG D 195 -10.93 -23.21 2.53
C ARG D 195 -10.72 -23.54 4.00
N ILE D 196 -9.56 -23.20 4.55
CA ILE D 196 -9.36 -23.43 5.98
C ILE D 196 -9.00 -22.12 6.67
N ALA D 197 -9.28 -22.01 7.96
CA ALA D 197 -9.00 -20.77 8.69
C ALA D 197 -7.50 -20.45 8.65
N LYS D 198 -7.19 -19.20 8.32
CA LYS D 198 -5.80 -18.77 8.22
C LYS D 198 -5.37 -18.01 9.47
N GLY D 199 -4.29 -18.45 10.09
CA GLY D 199 -3.73 -17.74 11.24
C GLY D 199 -3.73 -18.54 12.53
N SER D 200 -4.37 -19.71 12.49
CA SER D 200 -4.45 -20.56 13.68
C SER D 200 -3.85 -21.93 13.42
N ASN D 201 -3.02 -22.01 12.38
CA ASN D 201 -2.32 -23.24 12.03
C ASN D 201 -3.27 -24.42 11.89
N GLN D 202 -4.38 -24.19 11.19
CA GLN D 202 -5.34 -25.25 10.92
C GLN D 202 -4.67 -26.38 10.16
N CYS D 203 -4.96 -27.61 10.56
CA CYS D 203 -4.44 -28.80 9.91
C CYS D 203 -2.93 -28.83 9.86
N LEU D 204 -2.28 -28.06 10.74
CA LEU D 204 -0.81 -27.95 10.76
C LEU D 204 -0.26 -27.41 9.44
N VAL D 205 -0.99 -26.46 8.86
CA VAL D 205 -0.69 -25.97 7.52
C VAL D 205 0.70 -25.33 7.41
N LYS D 206 1.17 -24.70 8.48
CA LYS D 206 2.42 -23.95 8.42
C LYS D 206 3.66 -24.83 8.67
N GLU D 207 3.42 -26.10 9.00
CA GLU D 207 4.51 -26.99 9.40
C GLU D 207 5.51 -27.32 8.28
N GLU D 208 5.00 -27.70 7.12
CA GLU D 208 5.89 -28.08 6.02
C GLU D 208 5.50 -27.43 4.69
N ALA D 209 6.08 -26.26 4.42
CA ALA D 209 5.82 -25.54 3.17
C ALA D 209 7.08 -25.48 2.29
N SER D 210 6.91 -25.89 1.04
CA SER D 210 8.02 -25.90 0.09
C SER D 210 7.57 -25.39 -1.26
N SER D 211 8.54 -25.02 -2.10
CA SER D 211 8.21 -24.69 -3.48
C SER D 211 9.37 -24.96 -4.41
N ALA D 212 9.07 -25.44 -5.61
CA ALA D 212 10.12 -25.68 -6.58
C ALA D 212 10.61 -24.34 -7.14
N VAL D 213 11.85 -24.35 -7.61
CA VAL D 213 12.46 -23.19 -8.26
C VAL D 213 12.84 -23.58 -9.68
N VAL D 214 12.41 -22.73 -10.61
CA VAL D 214 12.46 -22.96 -12.05
C VAL D 214 13.64 -22.23 -12.67
N GLY D 215 14.00 -21.10 -12.09
CA GLY D 215 15.09 -20.29 -12.58
C GLY D 215 15.85 -19.63 -11.44
N ALA E 1 -29.26 -25.96 -13.39
CA ALA E 1 -28.00 -25.22 -13.45
C ALA E 1 -27.45 -25.01 -12.04
N PRO E 2 -26.10 -25.03 -11.90
CA PRO E 2 -25.42 -24.79 -10.62
C PRO E 2 -25.75 -23.42 -10.05
N ALA E 3 -25.43 -23.22 -8.77
CA ALA E 3 -25.72 -21.96 -8.12
C ALA E 3 -24.66 -20.93 -8.46
N ALA E 4 -23.45 -21.42 -8.70
CA ALA E 4 -22.33 -20.55 -9.06
C ALA E 4 -21.34 -21.32 -9.93
N VAL E 5 -20.76 -20.61 -10.89
CA VAL E 5 -19.74 -21.18 -11.76
C VAL E 5 -18.59 -20.21 -11.91
N ASP E 6 -17.38 -20.73 -11.88
CA ASP E 6 -16.22 -19.92 -12.20
C ASP E 6 -15.24 -20.80 -12.94
N TRP E 7 -15.12 -20.59 -14.25
CA TRP E 7 -14.30 -21.48 -15.06
C TRP E 7 -12.79 -21.25 -14.85
N ARG E 8 -12.44 -20.17 -14.16
CA ARG E 8 -11.05 -19.89 -13.82
C ARG E 8 -10.56 -20.98 -12.88
N ALA E 9 -11.48 -21.43 -12.02
CA ALA E 9 -11.23 -22.49 -11.06
C ALA E 9 -11.20 -23.85 -11.74
N ARG E 10 -11.60 -23.88 -13.01
CA ARG E 10 -11.71 -25.12 -13.74
C ARG E 10 -10.48 -25.26 -14.65
N GLY E 11 -9.52 -24.35 -14.47
CA GLY E 11 -8.27 -24.32 -15.22
C GLY E 11 -8.53 -24.10 -16.70
N ALA E 12 -9.64 -23.42 -17.01
CA ALA E 12 -10.09 -23.24 -18.38
C ALA E 12 -9.90 -21.84 -18.94
N VAL E 13 -9.52 -20.89 -18.09
CA VAL E 13 -9.37 -19.50 -18.54
C VAL E 13 -7.91 -19.07 -18.56
N THR E 14 -7.51 -18.42 -19.65
CA THR E 14 -6.15 -17.90 -19.75
C THR E 14 -6.00 -16.58 -18.99
N ALA E 15 -4.78 -16.08 -18.96
CA ALA E 15 -4.46 -14.83 -18.27
C ALA E 15 -5.07 -13.62 -19.00
N VAL E 16 -5.32 -12.57 -18.22
CA VAL E 16 -5.84 -11.31 -18.75
C VAL E 16 -4.84 -10.69 -19.74
N LYS E 17 -5.35 -10.20 -20.87
CA LYS E 17 -4.49 -9.63 -21.91
C LYS E 17 -4.62 -8.10 -21.97
N ASP E 18 -3.91 -7.49 -22.91
CA ASP E 18 -3.91 -6.04 -23.07
C ASP E 18 -4.07 -5.62 -24.54
N GLN E 19 -5.17 -4.96 -24.84
CA GLN E 19 -5.48 -4.54 -26.21
C GLN E 19 -4.79 -3.24 -26.63
N GLY E 20 -4.29 -2.46 -25.68
CA GLY E 20 -3.62 -1.21 -26.01
C GLY E 20 -4.55 -0.15 -26.59
N GLN E 21 -3.99 0.71 -27.44
CA GLN E 21 -4.80 1.74 -28.09
C GLN E 21 -5.49 1.17 -29.32
N CYS E 22 -6.37 0.21 -29.09
CA CYS E 22 -7.09 -0.40 -30.18
C CYS E 22 -8.40 -0.96 -29.67
N GLY E 23 -9.49 -0.64 -30.36
CA GLY E 23 -10.81 -1.11 -29.97
C GLY E 23 -11.02 -2.53 -30.47
N SER E 24 -10.08 -3.42 -30.16
CA SER E 24 -10.10 -4.78 -30.70
C SER E 24 -10.62 -5.70 -29.61
N CYS E 25 -11.45 -5.12 -28.76
CA CYS E 25 -12.04 -5.85 -27.66
C CYS E 25 -12.85 -7.04 -28.14
N TRP E 26 -13.53 -6.86 -29.28
CA TRP E 26 -14.28 -7.95 -29.88
C TRP E 26 -13.38 -9.16 -30.15
N ALA E 27 -12.20 -8.89 -30.71
CA ALA E 27 -11.28 -9.95 -31.07
C ALA E 27 -10.81 -10.70 -29.84
N PHE E 28 -10.56 -9.98 -28.76
CA PHE E 28 -10.11 -10.63 -27.54
C PHE E 28 -11.24 -11.43 -26.94
N SER E 29 -12.46 -10.93 -27.08
CA SER E 29 -13.63 -11.64 -26.57
C SER E 29 -13.78 -12.97 -27.29
N ALA E 30 -13.86 -12.89 -28.62
CA ALA E 30 -13.99 -14.06 -29.47
C ALA E 30 -12.87 -15.06 -29.19
N ILE E 31 -11.63 -14.59 -29.26
CA ILE E 31 -10.48 -15.46 -29.07
C ILE E 31 -10.48 -16.09 -27.69
N GLY E 32 -10.81 -15.31 -26.67
CA GLY E 32 -10.89 -15.85 -25.31
C GLY E 32 -11.88 -16.99 -25.25
N ASN E 33 -13.06 -16.74 -25.81
CA ASN E 33 -14.10 -17.76 -25.90
C ASN E 33 -13.58 -19.02 -26.56
N VAL E 34 -12.88 -18.84 -27.68
CA VAL E 34 -12.32 -19.96 -28.43
C VAL E 34 -11.30 -20.75 -27.61
N GLU E 35 -10.43 -20.02 -26.90
CA GLU E 35 -9.44 -20.61 -26.00
C GLU E 35 -10.12 -21.55 -25.03
N CYS E 36 -11.10 -21.00 -24.32
CA CYS E 36 -11.81 -21.78 -23.31
C CYS E 36 -12.50 -23.01 -23.92
N GLN E 37 -13.19 -22.82 -25.04
CA GLN E 37 -13.89 -23.93 -25.68
C GLN E 37 -12.91 -25.03 -26.12
N TRP E 38 -11.76 -24.60 -26.63
CA TRP E 38 -10.71 -25.51 -27.06
C TRP E 38 -10.20 -26.34 -25.89
N PHE E 39 -9.99 -25.70 -24.75
CA PHE E 39 -9.60 -26.45 -23.55
C PHE E 39 -10.70 -27.44 -23.18
N LEU E 40 -11.95 -26.97 -23.20
CA LEU E 40 -13.09 -27.79 -22.80
C LEU E 40 -13.38 -28.89 -23.81
N ALA E 41 -12.67 -28.88 -24.93
CA ALA E 41 -12.79 -29.97 -25.89
C ALA E 41 -11.88 -31.14 -25.51
N GLY E 42 -10.91 -30.91 -24.63
CA GLY E 42 -10.00 -31.96 -24.22
C GLY E 42 -8.58 -31.69 -24.65
N HIS E 43 -8.26 -30.42 -24.86
CA HIS E 43 -6.94 -30.02 -25.33
C HIS E 43 -6.21 -29.15 -24.30
N PRO E 44 -4.89 -29.01 -24.43
CA PRO E 44 -4.13 -28.12 -23.54
C PRO E 44 -4.57 -26.65 -23.67
N LEU E 45 -4.57 -25.94 -22.55
CA LEU E 45 -4.92 -24.51 -22.51
C LEU E 45 -3.92 -23.67 -23.30
N THR E 46 -4.37 -23.15 -24.44
CA THR E 46 -3.49 -22.40 -25.32
C THR E 46 -3.93 -20.95 -25.48
N ASN E 47 -2.96 -20.04 -25.42
CA ASN E 47 -3.21 -18.66 -25.77
C ASN E 47 -3.31 -18.53 -27.28
N LEU E 48 -4.42 -17.99 -27.76
CA LEU E 48 -4.62 -17.89 -29.20
C LEU E 48 -4.49 -16.45 -29.67
N SER E 49 -4.37 -16.27 -30.98
CA SER E 49 -3.96 -14.99 -31.53
C SER E 49 -5.13 -14.06 -31.87
N GLU E 50 -5.13 -12.91 -31.22
CA GLU E 50 -6.06 -11.84 -31.58
C GLU E 50 -5.54 -11.15 -32.81
N GLN E 51 -4.23 -11.17 -32.98
CA GLN E 51 -3.60 -10.55 -34.13
C GLN E 51 -4.03 -11.25 -35.42
N MET E 52 -4.32 -12.55 -35.31
CA MET E 52 -4.81 -13.31 -36.45
C MET E 52 -6.09 -12.66 -36.98
N LEU E 53 -6.98 -12.32 -36.06
CA LEU E 53 -8.26 -11.71 -36.41
C LEU E 53 -8.11 -10.24 -36.81
N VAL E 54 -7.28 -9.49 -36.09
CA VAL E 54 -7.11 -8.07 -36.36
C VAL E 54 -6.51 -7.87 -37.75
N SER E 55 -5.54 -8.74 -38.09
CA SER E 55 -4.80 -8.62 -39.34
C SER E 55 -5.41 -9.33 -40.55
N CYS E 56 -5.89 -10.55 -40.39
CA CYS E 56 -6.33 -11.33 -41.55
C CYS E 56 -7.82 -11.21 -41.79
N ASP E 57 -8.61 -11.15 -40.73
CA ASP E 57 -10.05 -11.05 -40.86
C ASP E 57 -10.48 -9.64 -41.27
N LYS E 58 -10.79 -9.46 -42.55
CA LYS E 58 -11.16 -8.15 -43.08
C LYS E 58 -12.68 -7.96 -43.12
N THR E 59 -13.41 -8.97 -42.67
CA THR E 59 -14.86 -8.83 -42.48
C THR E 59 -15.10 -7.81 -41.37
N ASP E 60 -14.22 -7.83 -40.37
CA ASP E 60 -14.23 -6.82 -39.32
C ASP E 60 -13.24 -5.71 -39.63
N SER E 61 -13.20 -4.71 -38.76
CA SER E 61 -12.49 -3.48 -39.07
C SER E 61 -11.29 -3.21 -38.16
N GLY E 62 -10.49 -4.24 -37.92
CA GLY E 62 -9.25 -4.09 -37.18
C GLY E 62 -9.42 -3.34 -35.87
N CYS E 63 -8.75 -2.19 -35.79
CA CYS E 63 -8.77 -1.35 -34.59
C CYS E 63 -9.95 -0.37 -34.53
N SER E 64 -10.88 -0.47 -35.47
CA SER E 64 -12.02 0.45 -35.49
C SER E 64 -13.28 -0.10 -34.85
N GLY E 65 -13.30 -1.41 -34.59
CA GLY E 65 -14.45 -2.03 -33.95
C GLY E 65 -14.82 -3.31 -34.67
N GLY E 66 -15.84 -4.00 -34.17
CA GLY E 66 -16.26 -5.23 -34.79
C GLY E 66 -17.32 -6.00 -34.03
N LEU E 67 -17.62 -7.20 -34.51
CA LEU E 67 -18.53 -8.12 -33.84
C LEU E 67 -17.85 -9.47 -33.68
N MET E 68 -18.10 -10.12 -32.55
CA MET E 68 -17.51 -11.42 -32.27
C MET E 68 -18.00 -12.46 -33.29
N ASN E 69 -19.31 -12.41 -33.58
CA ASN E 69 -19.94 -13.28 -34.57
C ASN E 69 -19.24 -13.27 -35.92
N ASN E 70 -18.88 -12.08 -36.38
CA ASN E 70 -18.18 -11.92 -37.65
C ASN E 70 -16.80 -12.58 -37.61
N ALA E 71 -16.16 -12.53 -36.45
CA ALA E 71 -14.87 -13.16 -36.25
C ALA E 71 -15.00 -14.68 -36.33
N PHE E 72 -15.99 -15.21 -35.63
CA PHE E 72 -16.28 -16.65 -35.68
C PHE E 72 -16.54 -17.09 -37.14
N GLU E 73 -17.35 -16.30 -37.84
CA GLU E 73 -17.65 -16.55 -39.25
C GLU E 73 -16.38 -16.60 -40.09
N TRP E 74 -15.48 -15.63 -39.88
CA TRP E 74 -14.26 -15.57 -40.67
C TRP E 74 -13.40 -16.80 -40.40
N ILE E 75 -13.24 -17.15 -39.12
CA ILE E 75 -12.45 -18.31 -38.77
C ILE E 75 -12.97 -19.58 -39.43
N VAL E 76 -14.28 -19.78 -39.35
CA VAL E 76 -14.86 -21.01 -39.89
C VAL E 76 -14.82 -21.09 -41.41
N GLN E 77 -15.32 -20.05 -42.09
CA GLN E 77 -15.48 -20.13 -43.54
C GLN E 77 -14.26 -19.72 -44.34
N GLU E 78 -13.40 -18.88 -43.78
CA GLU E 78 -12.29 -18.33 -44.54
C GLU E 78 -10.96 -18.96 -44.15
N ASN E 79 -10.85 -19.39 -42.90
CA ASN E 79 -9.59 -19.90 -42.38
C ASN E 79 -9.61 -21.40 -42.06
N ASN E 80 -10.55 -22.13 -42.67
CA ASN E 80 -10.68 -23.57 -42.46
C ASN E 80 -10.88 -23.95 -40.99
N GLY E 81 -11.35 -22.98 -40.20
CA GLY E 81 -11.65 -23.21 -38.78
C GLY E 81 -10.43 -23.06 -37.89
N ALA E 82 -9.30 -22.71 -38.48
CA ALA E 82 -8.03 -22.63 -37.76
C ALA E 82 -7.83 -21.30 -37.03
N VAL E 83 -7.38 -21.40 -35.79
CA VAL E 83 -6.96 -20.26 -34.99
C VAL E 83 -5.51 -20.43 -34.55
N TYR E 84 -4.63 -19.52 -34.97
CA TYR E 84 -3.20 -19.62 -34.67
C TYR E 84 -2.91 -19.32 -33.20
N THR E 85 -1.78 -19.83 -32.72
CA THR E 85 -1.35 -19.56 -31.35
C THR E 85 -0.89 -18.11 -31.25
N GLU E 86 -1.05 -17.53 -30.06
CA GLU E 86 -0.54 -16.18 -29.82
C GLU E 86 0.99 -16.19 -29.88
N ASP E 87 1.57 -17.36 -29.59
CA ASP E 87 3.03 -17.52 -29.57
C ASP E 87 3.63 -17.39 -30.98
N SER E 88 2.94 -17.94 -31.97
CA SER E 88 3.43 -17.94 -33.35
C SER E 88 2.81 -16.78 -34.16
N TYR E 89 1.92 -16.05 -33.51
CA TYR E 89 1.29 -14.88 -34.10
C TYR E 89 1.00 -13.86 -33.01
N PRO E 90 2.06 -13.21 -32.48
CA PRO E 90 1.91 -12.30 -31.34
C PRO E 90 1.18 -11.00 -31.69
N TYR E 91 0.59 -10.40 -30.65
CA TYR E 91 -0.16 -9.16 -30.79
C TYR E 91 0.79 -8.01 -31.12
N ALA E 92 0.46 -7.23 -32.14
CA ALA E 92 1.33 -6.15 -32.59
C ALA E 92 0.58 -4.84 -32.79
N SER E 93 -0.71 -4.83 -32.42
CA SER E 93 -1.56 -3.65 -32.61
C SER E 93 -1.69 -2.76 -31.36
N GLY E 94 -0.68 -2.81 -30.48
CA GLY E 94 -0.70 -2.07 -29.23
C GLY E 94 -0.79 -0.56 -29.29
N GLU E 95 -0.27 0.04 -30.36
CA GLU E 95 -0.20 1.50 -30.46
C GLU E 95 -1.26 2.10 -31.39
N GLY E 96 -2.15 1.27 -31.93
CA GLY E 96 -3.19 1.77 -32.82
C GLY E 96 -2.84 1.50 -34.28
N ILE E 97 -1.67 0.90 -34.50
CA ILE E 97 -1.17 0.58 -35.84
C ILE E 97 -1.46 -0.87 -36.18
N SER E 98 -2.33 -1.11 -37.16
CA SER E 98 -2.71 -2.47 -37.50
C SER E 98 -1.82 -3.03 -38.61
N PRO E 99 -0.99 -4.05 -38.26
CA PRO E 99 -0.05 -4.75 -39.12
C PRO E 99 -0.71 -5.44 -40.32
N PRO E 100 0.11 -5.87 -41.30
CA PRO E 100 -0.42 -6.63 -42.45
C PRO E 100 -0.61 -8.10 -42.09
N CYS E 101 -1.35 -8.81 -42.92
CA CYS E 101 -1.54 -10.23 -42.70
C CYS E 101 -0.30 -11.00 -43.12
N THR E 102 0.15 -11.91 -42.26
CA THR E 102 1.25 -12.80 -42.61
C THR E 102 0.67 -14.20 -42.56
N THR E 103 0.93 -14.99 -43.59
CA THR E 103 0.30 -16.30 -43.72
C THR E 103 1.32 -17.42 -43.75
N SER E 104 2.53 -17.12 -43.30
CA SER E 104 3.62 -18.07 -43.35
C SER E 104 4.29 -18.30 -41.99
N GLY E 105 4.31 -19.56 -41.56
CA GLY E 105 5.12 -19.97 -40.43
C GLY E 105 4.38 -19.98 -39.10
N HIS E 106 3.08 -19.67 -39.17
CA HIS E 106 2.27 -19.61 -37.96
C HIS E 106 1.87 -21.02 -37.54
N THR E 107 1.50 -21.17 -36.27
CA THR E 107 1.13 -22.48 -35.73
C THR E 107 -0.36 -22.52 -35.37
N VAL E 108 -1.05 -23.54 -35.85
CA VAL E 108 -2.49 -23.68 -35.61
C VAL E 108 -2.78 -24.14 -34.18
N GLY E 109 -3.39 -23.25 -33.40
CA GLY E 109 -3.71 -23.53 -32.01
C GLY E 109 -5.05 -24.19 -31.72
N ALA E 110 -6.10 -23.82 -32.46
CA ALA E 110 -7.43 -24.39 -32.22
C ALA E 110 -8.24 -24.53 -33.51
N THR E 111 -9.23 -25.43 -33.51
CA THR E 111 -10.07 -25.59 -34.68
C THR E 111 -11.55 -25.56 -34.33
N ILE E 112 -12.24 -24.50 -34.77
CA ILE E 112 -13.68 -24.39 -34.53
C ILE E 112 -14.48 -24.73 -35.80
N THR E 113 -15.74 -25.10 -35.62
CA THR E 113 -16.58 -25.52 -36.74
C THR E 113 -17.81 -24.64 -36.96
N GLY E 114 -18.07 -23.72 -36.04
CA GLY E 114 -19.17 -22.79 -36.20
C GLY E 114 -19.33 -21.90 -34.98
N HIS E 115 -20.54 -21.40 -34.79
CA HIS E 115 -20.83 -20.63 -33.59
C HIS E 115 -22.34 -20.56 -33.33
N VAL E 116 -22.69 -20.26 -32.08
CA VAL E 116 -24.08 -20.13 -31.68
C VAL E 116 -24.34 -18.81 -30.96
N GLU E 117 -25.58 -18.35 -31.05
CA GLU E 117 -26.03 -17.15 -30.35
C GLU E 117 -26.95 -17.49 -29.20
N LEU E 118 -26.86 -16.72 -28.12
CA LEU E 118 -27.73 -16.95 -26.98
C LEU E 118 -28.82 -15.88 -26.92
N PRO E 119 -30.01 -16.27 -26.41
CA PRO E 119 -31.17 -15.40 -26.21
C PRO E 119 -30.85 -14.18 -25.35
N GLN E 120 -31.73 -13.18 -25.40
CA GLN E 120 -31.57 -12.03 -24.54
C GLN E 120 -32.21 -12.31 -23.17
N ASP E 121 -31.59 -13.26 -22.47
CA ASP E 121 -32.12 -13.76 -21.20
C ASP E 121 -30.94 -14.21 -20.34
N GLU E 122 -30.73 -13.53 -19.21
CA GLU E 122 -29.59 -13.83 -18.35
C GLU E 122 -29.64 -15.25 -17.81
N ALA E 123 -30.85 -15.75 -17.59
CA ALA E 123 -31.06 -17.08 -17.02
C ALA E 123 -30.61 -18.16 -18.00
N GLN E 124 -30.96 -17.98 -19.27
CA GLN E 124 -30.61 -18.94 -20.30
C GLN E 124 -29.12 -18.87 -20.61
N ILE E 125 -28.57 -17.66 -20.57
CA ILE E 125 -27.13 -17.49 -20.76
C ILE E 125 -26.38 -18.21 -19.65
N ALA E 126 -26.85 -18.06 -18.41
CA ALA E 126 -26.22 -18.74 -17.30
C ALA E 126 -26.34 -20.26 -17.44
N ALA E 127 -27.54 -20.71 -17.81
CA ALA E 127 -27.79 -22.14 -17.98
C ALA E 127 -26.89 -22.75 -19.02
N TRP E 128 -26.63 -21.99 -20.10
CA TRP E 128 -25.76 -22.48 -21.16
C TRP E 128 -24.29 -22.41 -20.74
N LEU E 129 -23.92 -21.32 -20.06
CA LEU E 129 -22.54 -21.08 -19.63
C LEU E 129 -22.07 -22.15 -18.65
N ALA E 130 -23.00 -22.57 -17.79
CA ALA E 130 -22.70 -23.54 -16.75
C ALA E 130 -22.37 -24.92 -17.33
N VAL E 131 -22.84 -25.16 -18.56
CA VAL E 131 -22.66 -26.45 -19.19
C VAL E 131 -21.53 -26.43 -20.23
N ASN E 132 -21.50 -25.40 -21.06
CA ASN E 132 -20.57 -25.37 -22.19
C ASN E 132 -19.45 -24.33 -22.10
N GLY E 133 -19.41 -23.58 -21.02
CA GLY E 133 -18.26 -22.73 -20.76
C GLY E 133 -18.46 -21.25 -21.06
N PRO E 134 -17.40 -20.46 -20.88
CA PRO E 134 -17.40 -18.99 -21.00
C PRO E 134 -18.03 -18.50 -22.28
N VAL E 135 -18.73 -17.37 -22.17
CA VAL E 135 -19.53 -16.83 -23.26
C VAL E 135 -19.06 -15.46 -23.68
N ALA E 136 -18.88 -15.27 -24.99
CA ALA E 136 -18.51 -13.96 -25.48
C ALA E 136 -19.75 -13.08 -25.43
N VAL E 137 -19.66 -11.94 -24.76
CA VAL E 137 -20.82 -11.05 -24.66
C VAL E 137 -20.42 -9.62 -24.95
N ALA E 138 -21.39 -8.83 -25.41
CA ALA E 138 -21.12 -7.42 -25.65
C ALA E 138 -21.78 -6.57 -24.57
N VAL E 139 -21.08 -5.55 -24.10
CA VAL E 139 -21.64 -4.68 -23.07
C VAL E 139 -21.37 -3.19 -23.33
N ASP E 140 -22.00 -2.34 -22.51
CA ASP E 140 -21.76 -0.91 -22.54
C ASP E 140 -20.81 -0.56 -21.43
N ALA E 141 -19.52 -0.47 -21.76
CA ALA E 141 -18.48 -0.29 -20.74
C ALA E 141 -18.22 1.18 -20.50
N SER E 142 -19.24 2.02 -20.73
CA SER E 142 -19.08 3.46 -20.57
C SER E 142 -18.75 3.87 -19.13
N SER E 143 -19.26 3.15 -18.14
CA SER E 143 -18.96 3.48 -16.75
C SER E 143 -17.94 2.51 -16.13
N TRP E 144 -17.15 1.86 -17.00
CA TRP E 144 -16.19 0.85 -16.54
C TRP E 144 -14.82 1.44 -16.32
N MET E 145 -14.63 2.67 -16.78
CA MET E 145 -13.32 3.31 -16.67
C MET E 145 -12.96 3.65 -15.21
N THR E 146 -13.99 3.77 -14.37
CA THR E 146 -13.81 4.20 -12.98
C THR E 146 -13.81 3.04 -11.98
N TYR E 147 -13.91 1.83 -12.50
CA TYR E 147 -14.06 0.64 -11.66
C TYR E 147 -12.78 0.20 -10.96
N THR E 148 -12.87 -0.09 -9.67
CA THR E 148 -11.72 -0.56 -8.90
C THR E 148 -12.01 -1.86 -8.16
N GLY E 149 -13.29 -2.22 -8.08
CA GLY E 149 -13.69 -3.47 -7.45
C GLY E 149 -15.11 -3.45 -6.91
N GLY E 150 -15.59 -4.64 -6.53
CA GLY E 150 -16.93 -4.81 -5.99
C GLY E 150 -17.98 -5.14 -7.04
N VAL E 151 -19.18 -5.48 -6.57
CA VAL E 151 -20.28 -5.81 -7.48
C VAL E 151 -21.04 -4.55 -7.90
N MET E 152 -20.84 -4.19 -9.16
CA MET E 152 -21.46 -3.01 -9.73
C MET E 152 -22.97 -3.20 -9.77
N THR E 153 -23.72 -2.20 -9.33
CA THR E 153 -25.17 -2.32 -9.17
C THR E 153 -25.94 -1.26 -9.96
N SER E 154 -25.22 -0.25 -10.46
CA SER E 154 -25.84 0.83 -11.23
C SER E 154 -25.12 1.13 -12.56
N CYS E 155 -24.86 0.10 -13.36
CA CYS E 155 -24.15 0.27 -14.63
C CYS E 155 -24.92 1.04 -15.71
N VAL E 156 -24.20 1.91 -16.42
CA VAL E 156 -24.78 2.63 -17.57
C VAL E 156 -25.02 1.67 -18.75
N SER E 157 -26.29 1.44 -19.05
CA SER E 157 -26.67 0.41 -20.04
C SER E 157 -27.38 1.02 -21.25
N GLU E 158 -26.62 1.71 -22.10
CA GLU E 158 -27.25 2.42 -23.21
C GLU E 158 -26.86 1.90 -24.61
N GLN E 159 -25.57 1.78 -24.88
CA GLN E 159 -25.12 1.36 -26.21
C GLN E 159 -23.88 0.48 -26.19
N LEU E 160 -23.93 -0.62 -26.94
CA LEU E 160 -22.80 -1.56 -27.01
C LEU E 160 -21.57 -0.92 -27.66
N ASP E 161 -20.41 -1.09 -27.03
CA ASP E 161 -19.16 -0.55 -27.56
C ASP E 161 -17.95 -1.41 -27.17
N HIS E 162 -18.20 -2.40 -26.33
CA HIS E 162 -17.12 -3.22 -25.77
C HIS E 162 -17.44 -4.71 -25.83
N GLY E 163 -16.42 -5.52 -26.05
CA GLY E 163 -16.57 -6.96 -26.10
C GLY E 163 -15.83 -7.66 -24.98
N VAL E 164 -16.55 -8.42 -24.18
CA VAL E 164 -15.94 -9.06 -23.01
C VAL E 164 -16.30 -10.54 -22.90
N LEU E 165 -15.76 -11.21 -21.86
CA LEU E 165 -16.00 -12.65 -21.75
C LEU E 165 -16.56 -13.08 -20.40
N LEU E 166 -17.82 -13.46 -20.37
CA LEU E 166 -18.44 -14.04 -19.19
C LEU E 166 -17.71 -15.33 -18.86
N VAL E 167 -17.10 -15.42 -17.68
CA VAL E 167 -16.38 -16.64 -17.31
C VAL E 167 -17.02 -17.34 -16.14
N GLY E 168 -18.10 -16.74 -15.63
CA GLY E 168 -18.82 -17.34 -14.54
C GLY E 168 -19.83 -16.40 -13.88
N TYR E 169 -20.59 -16.97 -12.96
CA TYR E 169 -21.60 -16.22 -12.23
C TYR E 169 -21.72 -16.76 -10.81
N ASN E 170 -22.53 -16.09 -10.01
CA ASN E 170 -22.79 -16.52 -8.65
C ASN E 170 -24.17 -16.09 -8.18
N ASP E 171 -25.10 -17.04 -8.12
CA ASP E 171 -26.48 -16.72 -7.73
C ASP E 171 -26.66 -16.77 -6.22
N SER E 172 -25.58 -17.12 -5.51
CA SER E 172 -25.63 -17.29 -4.06
C SER E 172 -25.37 -16.03 -3.26
N ALA E 173 -24.66 -15.06 -3.84
CA ALA E 173 -24.33 -13.84 -3.11
C ALA E 173 -25.59 -13.03 -2.78
N ALA E 174 -25.44 -12.08 -1.86
CA ALA E 174 -26.53 -11.18 -1.50
C ALA E 174 -26.96 -10.44 -2.76
N VAL E 175 -25.97 -10.01 -3.53
CA VAL E 175 -26.23 -9.45 -4.84
C VAL E 175 -25.59 -10.37 -5.87
N PRO E 176 -26.41 -11.21 -6.52
CA PRO E 176 -25.98 -12.14 -7.56
C PRO E 176 -25.21 -11.42 -8.66
N TYR E 177 -24.12 -12.03 -9.14
CA TYR E 177 -23.27 -11.34 -10.08
C TYR E 177 -22.71 -12.21 -11.20
N TRP E 178 -22.42 -11.56 -12.32
CA TRP E 178 -21.61 -12.12 -13.40
C TRP E 178 -20.16 -11.77 -13.19
N ILE E 179 -19.29 -12.75 -13.43
CA ILE E 179 -17.85 -12.54 -13.46
C ILE E 179 -17.40 -12.37 -14.90
N ILE E 180 -16.84 -11.19 -15.20
CA ILE E 180 -16.52 -10.82 -16.56
C ILE E 180 -15.04 -10.55 -16.76
N LYS E 181 -14.45 -11.21 -17.75
CA LYS E 181 -13.06 -10.99 -18.15
C LYS E 181 -12.94 -9.88 -19.18
N ASN E 182 -12.02 -8.95 -18.89
CA ASN E 182 -11.76 -7.78 -19.72
C ASN E 182 -10.32 -7.81 -20.26
N SER E 183 -10.02 -6.91 -21.19
CA SER E 183 -8.70 -6.89 -21.83
C SER E 183 -7.94 -5.62 -21.49
N TRP E 184 -8.03 -5.19 -20.23
CA TRP E 184 -7.39 -3.94 -19.80
C TRP E 184 -6.31 -4.18 -18.76
N THR E 185 -5.46 -5.18 -19.03
CA THR E 185 -4.37 -5.61 -18.14
C THR E 185 -4.88 -6.16 -16.81
N THR E 186 -3.96 -6.61 -15.96
CA THR E 186 -4.35 -7.20 -14.70
C THR E 186 -4.43 -6.13 -13.65
N GLN E 187 -4.09 -4.91 -14.06
CA GLN E 187 -4.09 -3.76 -13.17
C GLN E 187 -5.48 -3.14 -13.00
N TRP E 188 -6.36 -3.39 -13.96
CA TRP E 188 -7.71 -2.83 -13.95
C TRP E 188 -8.68 -3.70 -13.14
N GLY E 189 -9.58 -3.06 -12.38
CA GLY E 189 -10.61 -3.77 -11.64
C GLY E 189 -10.07 -4.84 -10.69
N GLU E 190 -10.80 -5.95 -10.63
CA GLU E 190 -10.43 -7.08 -9.79
C GLU E 190 -9.54 -8.06 -10.56
N GLU E 191 -8.24 -7.79 -10.58
CA GLU E 191 -7.25 -8.60 -11.29
C GLU E 191 -7.53 -8.69 -12.79
N GLY E 192 -8.13 -7.64 -13.35
CA GLY E 192 -8.45 -7.61 -14.77
C GLY E 192 -9.91 -7.97 -15.00
N TYR E 193 -10.55 -8.50 -13.96
CA TYR E 193 -11.93 -8.93 -14.05
C TYR E 193 -12.89 -7.93 -13.40
N ILE E 194 -14.18 -8.09 -13.68
CA ILE E 194 -15.19 -7.21 -13.11
C ILE E 194 -16.49 -7.96 -12.86
N ARG E 195 -17.09 -7.72 -11.70
CA ARG E 195 -18.36 -8.33 -11.36
C ARG E 195 -19.51 -7.34 -11.57
N ILE E 196 -20.53 -7.76 -12.31
CA ILE E 196 -21.70 -6.89 -12.48
C ILE E 196 -22.96 -7.59 -11.97
N ALA E 197 -23.95 -6.82 -11.55
CA ALA E 197 -25.16 -7.40 -11.00
C ALA E 197 -25.88 -8.28 -12.04
N LYS E 198 -26.23 -9.49 -11.62
CA LYS E 198 -26.88 -10.45 -12.51
C LYS E 198 -28.39 -10.48 -12.27
N GLY E 199 -29.15 -10.28 -13.34
CA GLY E 199 -30.59 -10.39 -13.26
C GLY E 199 -31.29 -9.09 -13.59
N SER E 200 -30.52 -8.03 -13.79
CA SER E 200 -31.10 -6.73 -14.08
C SER E 200 -30.60 -6.12 -15.40
N ASN E 201 -30.07 -6.97 -16.26
CA ASN E 201 -29.55 -6.56 -17.58
C ASN E 201 -28.57 -5.40 -17.47
N GLN E 202 -27.66 -5.51 -16.52
CA GLN E 202 -26.64 -4.48 -16.35
C GLN E 202 -25.76 -4.41 -17.60
N CYS E 203 -25.42 -3.19 -18.01
CA CYS E 203 -24.51 -2.96 -19.15
C CYS E 203 -24.95 -3.61 -20.45
N LEU E 204 -26.25 -3.92 -20.54
CA LEU E 204 -26.83 -4.54 -21.73
C LEU E 204 -26.15 -5.88 -22.02
N VAL E 205 -25.79 -6.59 -20.96
CA VAL E 205 -24.96 -7.79 -21.08
C VAL E 205 -25.64 -8.89 -21.91
N LYS E 206 -26.97 -8.94 -21.85
CA LYS E 206 -27.72 -10.02 -22.48
C LYS E 206 -28.04 -9.77 -23.96
N GLU E 207 -27.69 -8.58 -24.44
CA GLU E 207 -28.10 -8.16 -25.78
C GLU E 207 -27.43 -8.98 -26.89
N GLU E 208 -26.10 -9.15 -26.79
CA GLU E 208 -25.39 -9.94 -27.79
C GLU E 208 -24.42 -10.95 -27.18
N ALA E 209 -24.92 -12.18 -27.04
CA ALA E 209 -24.11 -13.28 -26.53
C ALA E 209 -23.86 -14.31 -27.62
N SER E 210 -22.58 -14.66 -27.80
CA SER E 210 -22.18 -15.64 -28.81
C SER E 210 -21.14 -16.58 -28.24
N SER E 211 -20.98 -17.73 -28.89
CA SER E 211 -19.89 -18.65 -28.54
C SER E 211 -19.50 -19.56 -29.71
N ALA E 212 -18.20 -19.82 -29.84
CA ALA E 212 -17.72 -20.71 -30.88
C ALA E 212 -18.08 -22.17 -30.57
N VAL E 213 -18.09 -22.99 -31.62
CA VAL E 213 -18.30 -24.43 -31.44
C VAL E 213 -17.14 -25.26 -32.00
N VAL E 214 -16.57 -26.16 -31.20
CA VAL E 214 -15.48 -26.99 -31.69
C VAL E 214 -15.88 -28.48 -31.56
N GLY E 215 -15.86 -29.20 -32.69
CA GLY E 215 -16.23 -30.61 -32.67
C GLY E 215 -17.06 -31.06 -33.85
#